data_8J20
#
_entry.id   8J20
#
_cell.length_a   1.00
_cell.length_b   1.00
_cell.length_c   1.00
_cell.angle_alpha   90.00
_cell.angle_beta   90.00
_cell.angle_gamma   90.00
#
_symmetry.space_group_name_H-M   'P 1'
#
loop_
_entity.id
_entity.type
_entity.pdbx_description
1 polymer 'Guanine nucleotide-binding protein G(I)/G(S)/G(T) subunit beta-1'
2 polymer scFV16
3 polymer 'Guanine nucleotide-binding protein G(i) subunit alpha-1'
4 polymer 'Free fatty acid receptor 3'
5 polymer 'Guanine nucleotide-binding protein G(I)/G(S)/G(O) subunit gamma-2'
6 non-polymer (4R)-N-[2,5-bis(chloranyl)phenyl]-4-(furan-2-yl)-2-methyl-5-oxidanylidene-4,6,7,8-tetrahydro-1H-quinoline-3-carboxamide
7 non-polymer 'PENTANOIC ACID'
#
loop_
_entity_poly.entity_id
_entity_poly.type
_entity_poly.pdbx_seq_one_letter_code
_entity_poly.pdbx_strand_id
1 'polypeptide(L)'
;MHHHHHHGSLLQSELDQLRQEAEQLKNQIRDARKACADATLSQITNNIDPVGRIQMRTRRTLRGHLAKIYAMHWGTDSRL
LVSASQDGKLIIWDSYTTNKVHAIPLRSSWVMTCAYAPSGNYVACGGLDNICSIYNLKTREGNVRVSRELAGHTGYLSCC
RFLDDNQIVTSSGDTTCALWDIETGQQTTTFTGHTGDVMSLSLAPDTRLFVSGACDASAKLWDVREGMCRQTFTGHESDI
NAICFFPNGNAFATGSDDATCRLFDLRADQELMTYSHDNIICGITSVSFSKSGRLLLAGYDDFNCNVWDALKADRAGVLA
GHDNRVSCLGVTDDGMAVATGSWDSFLKIWNGSSGGGGSGGGGSSGVSGWRLFKKIS
;
A
2 'polypeptide(L)'
;MLLVNQSHQGFNKEHTSKMVSAIVLYVLLAAAAHSAFADVQLVESGGGLVQPGGSRKLSCSASGFAFSSFGMHWVRQAPE
KGLEWVAYISSGSGTIYYADTVKGRFTISRDDPKNTLFLQMTSLRSEDTAMYYCVRSIYYYGSSPFDFWGQGTTLTVSSG
GGGSGGGGSGGGGSDIVMTQATSSVPVTPGESVSISCRSSKSLLHSNGNTYLYWFLQRPGQSPQLLIYRMSNLASGVPDR
FSGSGSGTAFTLTISRLEAEDVGVYYCMQHLEYPLTFGAGTKLELKAAAHHHHHHHH
;
B
3 'polypeptide(L)'
;MGCTLSAEDKAAVERSKMIDRNLREDGEKAAREVKLLLLGAGESGKSTIVKQMKIIHEAGYSEEECKQYKAVVYSNTIQS
IIAIIRAMGRLKIDFGDSARADDARQLFVLAGAAEEGFMTAELAGVIKRLWKDSGVQACFNRSREYQLNDSAAYYLNDLD
RIAQPNYIPTQQDVLRTRVKTTGIVETHFTFKDLHFKMFDVGGQRSERKKWIHCFEGVTAIIFCVALSDYDLVLAEDEEM
NRMHESMKLFDSICNNKWFTDTSIILFLNKKDLFEEKIKKSPLTICYPEYAGSNTYEEAAAYIQCQFEDLNKRKDTKEIY
THFTCATDTKNVQFVFDAVTDVIIKNNLKDCGLF
;
C
4 'polypeptide(L)'
;MDTSPDQSFFPGNHWLVFSVYLFTFLVGLPLNLLALVIFVGKLRRRPVAVDVLLLNLTLSDLLLLLFLPFRMVEAASGMH
WPLPFILCPLSGFLFFTTIYLTALFLAAVSIERFLSVAYPLWYKTRPRLGQAGLVSVACWLLASAHCSVVYVIEFSGDIS
HSQGTNGTCYLEFREDQLAILLPVRLEMAVVLFGVPLLITSYCYSRLVWILGRGASHRRRRRVAGLVAATLLNFLVCFGP
YNVSHVVGYIQGESPVWRSYVLLLSTLNSCVDPLVYYFSSSGFQADFHELLRRLCGLWGPWQQESSMELKEQKG
;
D
5 'polypeptide(L)' MASNNTASIAQARKLVEQLKMEANIDRIKVSKAAADLMAYCEAHAKEDPLLTPVPASENPFREKKFFCAIL E
#
# COMPACT_ATOMS: atom_id res chain seq x y z
N GLU A 14 -45.01 -34.57 5.89
CA GLU A 14 -44.81 -33.22 6.40
C GLU A 14 -43.34 -32.98 6.73
N LEU A 15 -43.07 -31.89 7.45
CA LEU A 15 -41.71 -31.52 7.80
C LEU A 15 -41.44 -31.56 9.30
N ASP A 16 -42.47 -31.70 10.14
CA ASP A 16 -42.25 -31.76 11.57
C ASP A 16 -41.45 -33.00 11.97
N GLN A 17 -41.78 -34.15 11.38
CA GLN A 17 -41.05 -35.37 11.71
C GLN A 17 -39.60 -35.30 11.24
N LEU A 18 -39.35 -34.66 10.09
CA LEU A 18 -37.98 -34.50 9.63
C LEU A 18 -37.18 -33.59 10.56
N ARG A 19 -37.80 -32.52 11.04
CA ARG A 19 -37.13 -31.64 11.99
C ARG A 19 -36.85 -32.37 13.30
N GLN A 20 -37.80 -33.16 13.78
CA GLN A 20 -37.58 -33.93 15.00
C GLN A 20 -36.45 -34.94 14.81
N GLU A 21 -36.42 -35.61 13.66
CA GLU A 21 -35.34 -36.56 13.39
C GLU A 21 -33.99 -35.85 13.33
N ALA A 22 -33.94 -34.66 12.72
CA ALA A 22 -32.70 -33.90 12.67
C ALA A 22 -32.24 -33.50 14.07
N GLU A 23 -33.18 -33.07 14.92
CA GLU A 23 -32.83 -32.72 16.29
C GLU A 23 -32.31 -33.93 17.06
N GLN A 24 -32.95 -35.08 16.87
CA GLN A 24 -32.48 -36.30 17.54
C GLN A 24 -31.10 -36.69 17.05
N LEU A 25 -30.83 -36.54 15.75
CA LEU A 25 -29.51 -36.83 15.21
C LEU A 25 -28.46 -35.87 15.77
N LYS A 26 -28.82 -34.60 15.93
CA LYS A 26 -27.91 -33.64 16.54
C LYS A 26 -27.60 -34.03 17.98
N ASN A 27 -28.63 -34.45 18.72
CA ASN A 27 -28.41 -34.88 20.11
C ASN A 27 -27.51 -36.12 20.15
N GLN A 28 -27.72 -37.06 19.24
CA GLN A 28 -26.88 -38.26 19.19
C GLN A 28 -25.43 -37.89 18.86
N ILE A 29 -25.23 -36.96 17.93
CA ILE A 29 -23.88 -36.52 17.57
C ILE A 29 -23.21 -35.85 18.76
N ARG A 30 -23.96 -35.01 19.48
CA ARG A 30 -23.41 -34.36 20.67
C ARG A 30 -23.03 -35.39 21.73
N ASP A 31 -23.87 -36.40 21.94
CA ASP A 31 -23.56 -37.45 22.90
C ASP A 31 -22.31 -38.22 22.50
N ALA A 32 -22.19 -38.56 21.21
CA ALA A 32 -21.02 -39.27 20.74
C ALA A 32 -19.75 -38.43 20.89
N ARG A 33 -19.85 -37.12 20.62
CA ARG A 33 -18.71 -36.24 20.81
C ARG A 33 -18.31 -36.16 22.27
N LYS A 34 -19.30 -36.06 23.17
CA LYS A 34 -19.01 -35.99 24.60
C LYS A 34 -18.48 -37.30 25.15
N ALA A 35 -18.81 -38.43 24.52
CA ALA A 35 -18.31 -39.71 25.01
C ALA A 35 -16.79 -39.79 24.93
N CYS A 36 -16.20 -39.34 23.82
CA CYS A 36 -14.76 -39.35 23.65
C CYS A 36 -14.14 -38.01 24.04
N ALA A 37 -14.41 -37.56 25.26
CA ALA A 37 -13.88 -36.30 25.77
C ALA A 37 -13.40 -36.47 27.21
N ASP A 38 -12.70 -37.56 27.49
CA ASP A 38 -12.25 -37.83 28.85
C ASP A 38 -11.19 -36.82 29.30
N ALA A 39 -10.26 -36.47 28.41
CA ALA A 39 -9.16 -35.59 28.75
C ALA A 39 -9.03 -34.48 27.71
N THR A 40 -8.54 -33.34 28.15
CA THR A 40 -8.34 -32.18 27.28
C THR A 40 -6.85 -32.01 26.96
N LEU A 41 -6.59 -31.16 25.96
CA LEU A 41 -5.22 -30.91 25.54
C LEU A 41 -4.41 -30.21 26.61
N SER A 42 -5.03 -29.31 27.38
CA SER A 42 -4.31 -28.57 28.40
C SER A 42 -3.74 -29.48 29.48
N GLN A 43 -4.54 -30.47 29.91
CA GLN A 43 -4.06 -31.38 30.95
C GLN A 43 -2.86 -32.19 30.46
N ILE A 44 -2.88 -32.64 29.21
CA ILE A 44 -1.77 -33.42 28.69
C ILE A 44 -0.53 -32.54 28.50
N THR A 45 -0.73 -31.31 28.03
CA THR A 45 0.40 -30.43 27.73
C THR A 45 0.92 -29.67 28.94
N ASN A 46 0.26 -29.75 30.09
CA ASN A 46 0.73 -29.06 31.28
C ASN A 46 2.06 -29.59 31.80
N ASN A 47 2.51 -30.77 31.34
CA ASN A 47 3.74 -31.38 31.81
C ASN A 47 4.88 -31.25 30.81
N ILE A 48 4.83 -30.26 29.92
CA ILE A 48 5.86 -30.05 28.92
C ILE A 48 6.51 -28.70 29.16
N ASP A 49 7.69 -28.52 28.56
CA ASP A 49 8.43 -27.28 28.72
C ASP A 49 7.69 -26.14 28.02
N PRO A 50 7.57 -24.98 28.67
CA PRO A 50 6.90 -23.84 28.04
C PRO A 50 7.71 -23.27 26.88
N VAL A 51 7.00 -22.62 25.96
CA VAL A 51 7.66 -22.00 24.81
C VAL A 51 8.55 -20.85 25.25
N GLY A 52 8.16 -20.10 26.27
CA GLY A 52 8.96 -19.01 26.78
C GLY A 52 8.73 -17.72 26.02
N ARG A 53 9.42 -16.67 26.47
CA ARG A 53 9.31 -15.36 25.86
C ARG A 53 9.92 -15.37 24.46
N ILE A 54 9.25 -14.71 23.53
CA ILE A 54 9.69 -14.60 22.15
C ILE A 54 9.82 -13.13 21.80
N GLN A 55 10.98 -12.74 21.25
CA GLN A 55 11.24 -11.36 20.92
C GLN A 55 11.46 -11.20 19.42
N MET A 56 10.60 -11.82 18.62
CA MET A 56 10.71 -11.75 17.17
C MET A 56 10.51 -10.31 16.70
N ARG A 57 11.40 -9.85 15.82
CA ARG A 57 11.37 -8.50 15.30
C ARG A 57 11.39 -8.53 13.79
N THR A 58 10.90 -7.44 13.19
CA THR A 58 10.80 -7.33 11.74
C THR A 58 12.02 -6.61 11.18
N ARG A 59 12.55 -7.14 10.07
CA ARG A 59 13.65 -6.50 9.33
C ARG A 59 13.24 -6.46 7.86
N ARG A 60 12.42 -5.47 7.51
CA ARG A 60 11.91 -5.23 6.16
C ARG A 60 11.13 -3.92 6.18
N THR A 61 10.97 -3.33 5.00
CA THR A 61 10.17 -2.12 4.85
C THR A 61 8.93 -2.36 4.01
N LEU A 62 9.09 -2.81 2.77
CA LEU A 62 8.00 -3.16 1.86
C LEU A 62 6.95 -2.04 1.78
N ARG A 63 7.41 -0.88 1.31
CA ARG A 63 6.57 0.32 1.20
C ARG A 63 6.32 0.57 -0.29
N GLY A 64 5.23 0.02 -0.81
CA GLY A 64 4.88 0.22 -2.20
C GLY A 64 3.39 0.36 -2.45
N HIS A 65 2.59 0.35 -1.39
CA HIS A 65 1.14 0.36 -1.54
C HIS A 65 0.55 1.66 -1.01
N LEU A 66 -0.68 1.93 -1.41
CA LEU A 66 -1.41 3.12 -0.99
C LEU A 66 -2.84 2.77 -0.59
N ALA A 67 -3.07 1.54 -0.14
CA ALA A 67 -4.40 1.08 0.23
C ALA A 67 -4.26 -0.11 1.16
N LYS A 68 -5.40 -0.65 1.60
CA LYS A 68 -5.41 -1.78 2.52
C LYS A 68 -4.83 -3.02 1.85
N ILE A 69 -4.10 -3.82 2.63
CA ILE A 69 -3.26 -4.89 2.11
C ILE A 69 -3.79 -6.24 2.56
N TYR A 70 -3.82 -7.20 1.62
CA TYR A 70 -4.22 -8.58 1.86
C TYR A 70 -3.19 -9.54 1.25
N ALA A 71 -1.91 -9.33 1.57
CA ALA A 71 -0.79 -9.77 0.72
C ALA A 71 -0.07 -11.00 1.26
N MET A 72 -0.77 -12.13 1.28
CA MET A 72 -0.23 -13.42 1.74
C MET A 72 -0.26 -14.46 0.61
N HIS A 73 -0.11 -15.73 1.00
CA HIS A 73 0.19 -16.85 0.09
C HIS A 73 1.51 -16.62 -0.64
N TRP A 74 2.58 -16.67 0.15
CA TRP A 74 3.96 -16.58 -0.36
C TRP A 74 4.18 -17.43 -1.60
N GLY A 75 4.05 -18.74 -1.45
CA GLY A 75 4.40 -19.70 -2.48
C GLY A 75 5.38 -20.73 -1.97
N THR A 76 5.65 -21.71 -2.83
CA THR A 76 6.56 -22.79 -2.43
C THR A 76 8.01 -22.33 -2.33
N ASP A 77 8.41 -21.38 -3.19
CA ASP A 77 9.78 -20.88 -3.16
C ASP A 77 10.09 -20.08 -1.88
N SER A 78 9.06 -19.69 -1.13
CA SER A 78 9.20 -19.11 0.20
C SER A 78 9.96 -17.79 0.20
N ARG A 79 10.09 -17.15 -0.95
CA ARG A 79 10.74 -15.84 -1.02
C ARG A 79 9.89 -14.81 -1.74
N LEU A 80 9.16 -15.21 -2.78
CA LEU A 80 8.31 -14.28 -3.52
C LEU A 80 7.01 -14.03 -2.77
N LEU A 81 6.44 -12.86 -3.01
CA LEU A 81 5.18 -12.43 -2.39
C LEU A 81 4.23 -11.91 -3.45
N VAL A 82 2.94 -12.12 -3.20
CA VAL A 82 1.87 -11.58 -4.03
C VAL A 82 1.03 -10.65 -3.16
N SER A 83 0.77 -9.44 -3.65
CA SER A 83 0.15 -8.40 -2.85
C SER A 83 -1.01 -7.77 -3.61
N ALA A 84 -2.20 -7.84 -3.04
CA ALA A 84 -3.39 -7.20 -3.62
C ALA A 84 -3.91 -6.16 -2.64
N SER A 85 -4.27 -4.99 -3.18
CA SER A 85 -4.74 -3.89 -2.37
C SER A 85 -5.97 -3.28 -3.05
N GLN A 86 -6.50 -2.22 -2.44
CA GLN A 86 -7.68 -1.54 -2.96
C GLN A 86 -7.34 -0.51 -4.03
N ASP A 87 -6.07 -0.31 -4.34
CA ASP A 87 -5.66 0.59 -5.41
C ASP A 87 -5.75 -0.04 -6.79
N GLY A 88 -6.10 -1.31 -6.88
CA GLY A 88 -6.22 -1.98 -8.16
C GLY A 88 -4.91 -2.43 -8.76
N LYS A 89 -3.90 -2.70 -7.94
CA LYS A 89 -2.61 -3.15 -8.43
C LYS A 89 -2.17 -4.39 -7.65
N LEU A 90 -1.64 -5.37 -8.38
CA LEU A 90 -1.10 -6.59 -7.80
C LEU A 90 0.42 -6.51 -7.91
N ILE A 91 1.09 -6.52 -6.76
CA ILE A 91 2.53 -6.33 -6.68
C ILE A 91 3.20 -7.63 -6.27
N ILE A 92 4.20 -8.05 -7.03
CA ILE A 92 5.00 -9.21 -6.69
C ILE A 92 6.29 -8.72 -6.03
N TRP A 93 6.50 -9.14 -4.80
CA TRP A 93 7.58 -8.64 -3.95
C TRP A 93 8.70 -9.67 -3.84
N ASP A 94 9.94 -9.19 -3.88
CA ASP A 94 11.10 -9.99 -3.55
C ASP A 94 11.45 -9.71 -2.09
N SER A 95 11.15 -10.68 -1.21
CA SER A 95 11.28 -10.45 0.22
C SER A 95 12.73 -10.23 0.62
N TYR A 96 13.66 -10.97 0.02
CA TYR A 96 15.06 -10.91 0.44
C TYR A 96 15.65 -9.53 0.19
N THR A 97 15.38 -8.93 -0.96
CA THR A 97 16.03 -7.69 -1.37
C THR A 97 15.09 -6.50 -1.41
N THR A 98 13.82 -6.66 -1.02
CA THR A 98 12.83 -5.59 -1.06
C THR A 98 12.74 -5.01 -2.47
N ASN A 99 12.25 -5.85 -3.39
CA ASN A 99 12.11 -5.48 -4.78
C ASN A 99 10.74 -5.86 -5.29
N LYS A 100 10.24 -5.08 -6.25
CA LYS A 100 8.94 -5.33 -6.87
C LYS A 100 9.17 -6.03 -8.20
N VAL A 101 8.76 -7.28 -8.30
CA VAL A 101 9.00 -8.07 -9.50
C VAL A 101 8.00 -7.71 -10.60
N HIS A 102 6.71 -7.67 -10.27
CA HIS A 102 5.67 -7.38 -11.24
C HIS A 102 4.65 -6.42 -10.63
N ALA A 103 4.02 -5.63 -11.50
CA ALA A 103 2.96 -4.70 -11.11
C ALA A 103 1.83 -4.86 -12.13
N ILE A 104 0.83 -5.68 -11.78
CA ILE A 104 -0.26 -6.01 -12.67
C ILE A 104 -1.43 -5.09 -12.36
N PRO A 105 -1.89 -4.27 -13.31
CA PRO A 105 -3.12 -3.51 -13.08
C PRO A 105 -4.32 -4.43 -12.96
N LEU A 106 -5.27 -4.01 -12.13
CA LEU A 106 -6.48 -4.78 -11.86
C LEU A 106 -7.68 -4.07 -12.48
N ARG A 107 -8.54 -4.84 -13.14
CA ARG A 107 -9.77 -4.27 -13.71
C ARG A 107 -10.68 -3.72 -12.62
N SER A 108 -10.80 -4.45 -11.51
CA SER A 108 -11.59 -4.02 -10.37
C SER A 108 -10.65 -3.72 -9.20
N SER A 109 -10.81 -2.54 -8.59
CA SER A 109 -9.94 -2.15 -7.49
C SER A 109 -10.29 -2.89 -6.20
N TRP A 110 -11.55 -3.27 -6.03
CA TRP A 110 -12.00 -3.91 -4.80
C TRP A 110 -11.74 -5.41 -4.89
N VAL A 111 -10.59 -5.85 -4.37
CA VAL A 111 -10.23 -7.26 -4.35
C VAL A 111 -9.74 -7.61 -2.95
N MET A 112 -10.07 -8.83 -2.51
CA MET A 112 -9.50 -9.39 -1.28
C MET A 112 -9.11 -10.85 -1.59
N THR A 113 -7.91 -11.01 -2.15
CA THR A 113 -7.41 -12.32 -2.55
C THR A 113 -5.95 -12.19 -2.96
N CYS A 114 -5.12 -13.13 -2.51
CA CYS A 114 -3.75 -13.26 -2.98
C CYS A 114 -3.40 -14.73 -3.07
N ALA A 115 -2.89 -15.16 -4.22
CA ALA A 115 -2.44 -16.52 -4.42
C ALA A 115 -1.25 -16.51 -5.36
N TYR A 116 -0.37 -17.50 -5.20
CA TYR A 116 0.83 -17.60 -6.02
C TYR A 116 0.97 -18.93 -6.75
N ALA A 117 0.13 -19.92 -6.44
CA ALA A 117 0.12 -21.25 -7.06
C ALA A 117 1.38 -22.03 -6.68
N PRO A 118 1.26 -23.36 -6.53
CA PRO A 118 2.48 -24.14 -6.21
C PRO A 118 3.56 -24.04 -7.27
N SER A 119 3.18 -23.94 -8.54
CA SER A 119 4.17 -23.78 -9.60
C SER A 119 4.80 -22.40 -9.59
N GLY A 120 4.04 -21.38 -9.19
CA GLY A 120 4.53 -20.02 -9.16
C GLY A 120 4.36 -19.24 -10.44
N ASN A 121 3.76 -19.83 -11.47
CA ASN A 121 3.55 -19.16 -12.75
C ASN A 121 2.16 -18.55 -12.88
N TYR A 122 1.32 -18.65 -11.86
CA TYR A 122 -0.03 -18.13 -11.93
C TYR A 122 -0.38 -17.42 -10.63
N VAL A 123 -1.13 -16.32 -10.74
CA VAL A 123 -1.57 -15.55 -9.58
C VAL A 123 -3.08 -15.35 -9.68
N ALA A 124 -3.81 -15.67 -8.61
CA ALA A 124 -5.24 -15.53 -8.60
C ALA A 124 -5.66 -14.27 -7.86
N CYS A 125 -6.68 -13.60 -8.38
CA CYS A 125 -7.21 -12.41 -7.74
C CYS A 125 -8.73 -12.40 -7.84
N GLY A 126 -9.39 -12.06 -6.74
CA GLY A 126 -10.84 -12.00 -6.73
C GLY A 126 -11.41 -11.27 -5.53
N GLY A 127 -12.34 -10.35 -5.78
CA GLY A 127 -12.94 -9.59 -4.70
C GLY A 127 -14.46 -9.59 -4.75
N LEU A 128 -15.06 -8.42 -4.59
CA LEU A 128 -16.51 -8.28 -4.62
C LEU A 128 -17.05 -7.97 -6.01
N ASP A 129 -16.20 -8.07 -7.03
CA ASP A 129 -16.64 -7.92 -8.41
C ASP A 129 -17.21 -9.20 -9.00
N ASN A 130 -17.25 -10.29 -8.22
CA ASN A 130 -17.82 -11.56 -8.65
C ASN A 130 -17.06 -12.15 -9.84
N ILE A 131 -15.78 -11.84 -9.95
CA ILE A 131 -14.93 -12.31 -11.05
C ILE A 131 -13.62 -12.79 -10.45
N CYS A 132 -13.17 -13.97 -10.87
CA CYS A 132 -11.88 -14.50 -10.46
C CYS A 132 -10.93 -14.47 -11.66
N SER A 133 -9.84 -13.73 -11.54
CA SER A 133 -8.89 -13.53 -12.63
C SER A 133 -7.62 -14.30 -12.34
N ILE A 134 -7.15 -15.07 -13.31
CA ILE A 134 -5.89 -15.80 -13.22
C ILE A 134 -4.89 -15.08 -14.12
N TYR A 135 -3.77 -14.66 -13.53
CA TYR A 135 -2.73 -13.92 -14.22
C TYR A 135 -1.55 -14.84 -14.48
N ASN A 136 -1.09 -14.87 -15.72
CA ASN A 136 0.04 -15.71 -16.12
C ASN A 136 1.32 -14.90 -15.93
N LEU A 137 2.27 -15.47 -15.19
CA LEU A 137 3.51 -14.79 -14.89
C LEU A 137 4.60 -15.08 -15.93
N LYS A 138 4.74 -16.35 -16.31
CA LYS A 138 5.76 -16.76 -17.28
C LYS A 138 5.20 -16.66 -18.69
N THR A 139 5.15 -15.44 -19.19
CA THR A 139 4.66 -15.15 -20.53
C THR A 139 5.83 -14.82 -21.45
N ARG A 140 5.64 -15.12 -22.74
CA ARG A 140 6.68 -14.82 -23.73
C ARG A 140 6.90 -13.33 -23.92
N GLU A 141 5.91 -12.51 -23.59
CA GLU A 141 6.03 -11.06 -23.68
C GLU A 141 6.60 -10.53 -22.37
N GLY A 142 6.61 -9.20 -22.22
CA GLY A 142 7.17 -8.58 -21.03
C GLY A 142 6.13 -8.24 -19.99
N ASN A 143 4.86 -8.41 -20.32
CA ASN A 143 3.75 -8.07 -19.43
C ASN A 143 3.09 -9.33 -18.89
N VAL A 144 2.17 -9.13 -17.95
CA VAL A 144 1.40 -10.20 -17.36
C VAL A 144 -0.06 -10.01 -17.79
N ARG A 145 -0.63 -11.04 -18.40
CA ARG A 145 -1.98 -10.96 -18.96
C ARG A 145 -2.90 -11.92 -18.24
N VAL A 146 -4.21 -11.66 -18.38
CA VAL A 146 -5.21 -12.56 -17.81
C VAL A 146 -5.25 -13.84 -18.62
N SER A 147 -5.10 -14.98 -17.95
CA SER A 147 -5.15 -16.27 -18.62
C SER A 147 -6.55 -16.87 -18.59
N ARG A 148 -7.31 -16.63 -17.53
CA ARG A 148 -8.66 -17.16 -17.44
C ARG A 148 -9.48 -16.30 -16.49
N GLU A 149 -10.69 -15.97 -16.93
CA GLU A 149 -11.66 -15.24 -16.10
C GLU A 149 -12.81 -16.17 -15.76
N LEU A 150 -13.08 -16.31 -14.46
CA LEU A 150 -14.09 -17.22 -13.96
C LEU A 150 -15.24 -16.43 -13.37
N ALA A 151 -16.46 -16.77 -13.80
CA ALA A 151 -17.69 -16.15 -13.34
C ALA A 151 -18.71 -17.23 -13.01
N GLY A 152 -19.63 -16.89 -12.12
CA GLY A 152 -20.63 -17.84 -11.68
C GLY A 152 -20.94 -17.72 -10.20
N HIS A 153 -20.23 -16.82 -9.53
CA HIS A 153 -20.44 -16.53 -8.12
C HIS A 153 -21.29 -15.28 -7.98
N THR A 154 -22.29 -15.33 -7.10
CA THR A 154 -23.17 -14.20 -6.84
C THR A 154 -22.81 -13.44 -5.58
N GLY A 155 -21.64 -13.73 -4.99
CA GLY A 155 -21.19 -13.03 -3.81
C GLY A 155 -19.72 -12.64 -3.92
N TYR A 156 -19.28 -11.83 -2.96
CA TYR A 156 -17.90 -11.35 -2.96
C TYR A 156 -16.95 -12.52 -2.76
N LEU A 157 -15.90 -12.57 -3.59
CA LEU A 157 -14.97 -13.68 -3.56
C LEU A 157 -14.07 -13.62 -2.33
N SER A 158 -13.74 -14.79 -1.78
CA SER A 158 -12.82 -14.90 -0.66
C SER A 158 -12.04 -16.19 -0.80
N CYS A 159 -10.71 -16.09 -0.84
CA CYS A 159 -9.80 -17.23 -0.96
C CYS A 159 -9.87 -17.85 -2.35
N CYS A 160 -8.71 -18.03 -2.99
CA CYS A 160 -8.59 -18.53 -4.34
C CYS A 160 -7.50 -19.60 -4.42
N ARG A 161 -7.59 -20.58 -3.54
CA ARG A 161 -6.56 -21.60 -3.38
C ARG A 161 -6.31 -22.34 -4.71
N PHE A 162 -5.17 -23.04 -4.76
CA PHE A 162 -4.52 -23.42 -6.01
C PHE A 162 -4.13 -24.91 -6.02
N LEU A 163 -5.13 -25.79 -5.81
CA LEU A 163 -4.91 -27.24 -5.79
C LEU A 163 -3.83 -27.70 -6.76
N ASP A 164 -3.95 -27.34 -8.03
CA ASP A 164 -2.97 -27.68 -9.04
C ASP A 164 -2.83 -26.48 -9.97
N ASP A 165 -2.08 -26.67 -11.06
CA ASP A 165 -1.97 -25.65 -12.09
C ASP A 165 -3.25 -25.52 -12.92
N ASN A 166 -4.17 -26.47 -12.81
CA ASN A 166 -5.40 -26.46 -13.57
C ASN A 166 -6.66 -26.35 -12.74
N GLN A 167 -6.61 -26.63 -11.43
CA GLN A 167 -7.77 -26.61 -10.57
C GLN A 167 -7.62 -25.52 -9.52
N ILE A 168 -8.66 -24.71 -9.36
CA ILE A 168 -8.67 -23.61 -8.40
C ILE A 168 -9.98 -23.63 -7.64
N VAL A 169 -9.90 -23.68 -6.31
CA VAL A 169 -11.09 -23.68 -5.45
C VAL A 169 -11.26 -22.28 -4.87
N THR A 170 -12.51 -21.84 -4.77
CA THR A 170 -12.84 -20.48 -4.37
C THR A 170 -14.08 -20.49 -3.49
N SER A 171 -14.19 -19.48 -2.64
CA SER A 171 -15.35 -19.26 -1.79
C SER A 171 -15.87 -17.85 -2.02
N SER A 172 -17.19 -17.70 -1.94
CA SER A 172 -17.84 -16.41 -2.15
C SER A 172 -18.87 -16.18 -1.05
N GLY A 173 -19.54 -15.03 -1.13
CA GLY A 173 -20.54 -14.66 -0.16
C GLY A 173 -21.92 -15.24 -0.38
N ASP A 174 -22.09 -16.07 -1.42
CA ASP A 174 -23.37 -16.71 -1.72
C ASP A 174 -23.52 -18.06 -1.03
N THR A 175 -22.83 -18.27 0.09
CA THR A 175 -22.98 -19.48 0.92
C THR A 175 -22.69 -20.75 0.12
N THR A 176 -21.63 -20.72 -0.69
CA THR A 176 -21.21 -21.90 -1.44
C THR A 176 -19.75 -21.76 -1.82
N CYS A 177 -19.16 -22.90 -2.20
CA CYS A 177 -17.78 -22.96 -2.66
C CYS A 177 -17.75 -23.62 -4.03
N ALA A 178 -16.79 -23.24 -4.86
CA ALA A 178 -16.75 -23.72 -6.24
C ALA A 178 -15.33 -24.10 -6.64
N LEU A 179 -15.19 -25.21 -7.36
CA LEU A 179 -13.92 -25.64 -7.93
C LEU A 179 -13.98 -25.45 -9.44
N TRP A 180 -13.06 -24.66 -9.96
CA TRP A 180 -13.00 -24.29 -11.37
C TRP A 180 -11.76 -24.88 -12.02
N ASP A 181 -11.83 -25.02 -13.34
CA ASP A 181 -10.71 -25.48 -14.16
C ASP A 181 -10.10 -24.29 -14.89
N ILE A 182 -8.77 -24.26 -14.96
CA ILE A 182 -8.10 -23.17 -15.64
C ILE A 182 -8.30 -23.26 -17.15
N GLU A 183 -8.20 -24.47 -17.70
CA GLU A 183 -8.33 -24.63 -19.15
C GLU A 183 -9.74 -24.28 -19.62
N THR A 184 -10.76 -24.77 -18.92
CA THR A 184 -12.15 -24.54 -19.29
C THR A 184 -12.82 -23.71 -18.20
N GLY A 185 -13.35 -22.55 -18.58
CA GLY A 185 -14.01 -21.68 -17.63
C GLY A 185 -15.41 -22.11 -17.28
N GLN A 186 -15.54 -23.33 -16.75
CA GLN A 186 -16.83 -23.89 -16.39
C GLN A 186 -16.73 -24.52 -15.00
N GLN A 187 -17.88 -24.59 -14.33
CA GLN A 187 -17.94 -25.17 -12.99
C GLN A 187 -17.68 -26.67 -13.05
N THR A 188 -16.97 -27.17 -12.03
CA THR A 188 -16.66 -28.59 -11.92
C THR A 188 -17.30 -29.23 -10.70
N THR A 189 -17.14 -28.64 -9.52
CA THR A 189 -17.72 -29.17 -8.30
C THR A 189 -18.16 -28.02 -7.41
N THR A 190 -19.43 -28.03 -7.00
CA THR A 190 -20.00 -26.99 -6.16
C THR A 190 -20.42 -27.57 -4.82
N PHE A 191 -19.99 -26.90 -3.74
CA PHE A 191 -20.35 -27.28 -2.38
C PHE A 191 -21.36 -26.28 -1.85
N THR A 192 -22.53 -26.77 -1.45
CA THR A 192 -23.63 -25.94 -0.95
C THR A 192 -24.11 -26.55 0.37
N GLY A 193 -23.46 -26.16 1.46
CA GLY A 193 -23.86 -26.63 2.77
C GLY A 193 -23.77 -25.58 3.85
N HIS A 194 -23.38 -24.37 3.48
CA HIS A 194 -23.22 -23.27 4.42
C HIS A 194 -24.42 -22.34 4.36
N THR A 195 -24.78 -21.77 5.51
CA THR A 195 -25.87 -20.82 5.62
C THR A 195 -25.40 -19.37 5.69
N GLY A 196 -24.10 -19.13 5.52
CA GLY A 196 -23.56 -17.78 5.61
C GLY A 196 -22.40 -17.60 4.65
N ASP A 197 -21.86 -16.39 4.64
CA ASP A 197 -20.73 -16.06 3.78
C ASP A 197 -19.52 -16.93 4.14
N VAL A 198 -18.83 -17.41 3.12
CA VAL A 198 -17.77 -18.40 3.28
C VAL A 198 -16.43 -17.76 2.95
N MET A 199 -15.51 -17.80 3.90
CA MET A 199 -14.12 -17.40 3.71
C MET A 199 -13.25 -18.44 4.39
N SER A 200 -11.95 -18.14 4.53
CA SER A 200 -11.03 -18.93 5.34
C SER A 200 -10.97 -20.38 4.85
N LEU A 201 -10.39 -20.54 3.66
CA LEU A 201 -10.43 -21.80 2.93
C LEU A 201 -9.01 -22.35 2.71
N SER A 202 -8.23 -22.43 3.79
CA SER A 202 -6.89 -23.00 3.71
C SER A 202 -6.91 -24.39 3.10
N LEU A 203 -5.99 -24.64 2.16
CA LEU A 203 -6.03 -25.82 1.29
C LEU A 203 -5.17 -26.97 1.81
N ALA A 204 -5.36 -27.37 3.07
CA ALA A 204 -4.77 -28.60 3.61
C ALA A 204 -3.24 -28.58 3.61
N PRO A 205 -2.60 -29.53 4.30
CA PRO A 205 -1.15 -29.69 4.12
C PRO A 205 -0.82 -30.65 2.97
N ASP A 206 -1.80 -31.43 2.55
CA ASP A 206 -1.59 -32.44 1.51
C ASP A 206 -2.52 -32.28 0.31
N THR A 207 -3.34 -31.22 0.28
CA THR A 207 -4.05 -30.77 -0.93
C THR A 207 -5.20 -31.71 -1.30
N ARG A 208 -5.27 -32.88 -0.64
CA ARG A 208 -6.36 -33.80 -0.95
C ARG A 208 -7.68 -33.38 -0.32
N LEU A 209 -7.65 -32.46 0.64
CA LEU A 209 -8.85 -32.05 1.36
C LEU A 209 -8.84 -30.52 1.51
N PHE A 210 -9.91 -30.00 2.09
CA PHE A 210 -9.97 -28.58 2.41
C PHE A 210 -11.15 -28.33 3.34
N VAL A 211 -11.04 -27.26 4.13
CA VAL A 211 -12.06 -26.85 5.08
C VAL A 211 -12.32 -25.37 4.88
N SER A 212 -13.55 -24.95 5.21
CA SER A 212 -13.96 -23.56 5.02
C SER A 212 -14.81 -23.11 6.21
N GLY A 213 -14.54 -21.89 6.66
CA GLY A 213 -15.28 -21.32 7.78
C GLY A 213 -16.29 -20.29 7.34
N ALA A 214 -17.56 -20.54 7.64
CA ALA A 214 -18.63 -19.66 7.19
C ALA A 214 -18.88 -18.56 8.23
N CYS A 215 -19.93 -17.76 7.98
CA CYS A 215 -20.29 -16.65 8.84
C CYS A 215 -21.29 -17.02 9.92
N ASP A 216 -21.69 -18.29 10.00
CA ASP A 216 -22.65 -18.75 11.00
C ASP A 216 -21.98 -19.60 12.08
N ALA A 217 -20.72 -19.29 12.40
CA ALA A 217 -19.96 -20.01 13.42
C ALA A 217 -19.88 -21.51 13.12
N SER A 218 -19.71 -21.83 11.84
CA SER A 218 -19.60 -23.22 11.40
C SER A 218 -18.43 -23.35 10.46
N ALA A 219 -17.61 -24.38 10.67
CA ALA A 219 -16.49 -24.71 9.80
C ALA A 219 -16.72 -26.11 9.24
N LYS A 220 -16.81 -26.21 7.92
CA LYS A 220 -17.16 -27.46 7.26
C LYS A 220 -16.03 -27.90 6.34
N LEU A 221 -15.74 -29.20 6.37
CA LEU A 221 -14.72 -29.82 5.54
C LEU A 221 -15.38 -30.49 4.35
N TRP A 222 -14.78 -30.32 3.17
CA TRP A 222 -15.36 -30.84 1.94
C TRP A 222 -14.34 -31.69 1.19
N ASP A 223 -14.81 -32.82 0.65
CA ASP A 223 -13.98 -33.66 -0.20
C ASP A 223 -13.75 -32.99 -1.55
N VAL A 224 -12.50 -32.98 -2.01
CA VAL A 224 -12.20 -32.37 -3.30
C VAL A 224 -12.75 -33.24 -4.43
N ARG A 225 -12.54 -34.55 -4.36
CA ARG A 225 -12.97 -35.43 -5.44
C ARG A 225 -14.45 -35.80 -5.31
N GLU A 226 -14.87 -36.26 -4.13
CA GLU A 226 -16.26 -36.64 -3.94
C GLU A 226 -17.19 -35.44 -4.08
N GLY A 227 -16.78 -34.28 -3.55
CA GLY A 227 -17.60 -33.10 -3.64
C GLY A 227 -18.72 -33.01 -2.64
N MET A 228 -18.59 -33.68 -1.50
CA MET A 228 -19.62 -33.68 -0.47
C MET A 228 -18.99 -33.38 0.89
N CYS A 229 -19.79 -32.78 1.76
CA CYS A 229 -19.32 -32.48 3.12
C CYS A 229 -19.16 -33.75 3.91
N ARG A 230 -18.10 -33.80 4.74
CA ARG A 230 -17.84 -34.95 5.59
C ARG A 230 -17.82 -34.62 7.07
N GLN A 231 -17.47 -33.39 7.46
CA GLN A 231 -17.41 -33.04 8.86
C GLN A 231 -17.76 -31.56 9.02
N THR A 232 -18.41 -31.25 10.14
CA THR A 232 -18.78 -29.89 10.49
C THR A 232 -18.42 -29.64 11.95
N PHE A 233 -18.02 -28.39 12.24
CA PHE A 233 -17.61 -27.99 13.57
C PHE A 233 -18.32 -26.70 13.94
N THR A 234 -18.91 -26.67 15.13
CA THR A 234 -19.60 -25.48 15.64
C THR A 234 -19.14 -25.24 17.08
N GLY A 235 -18.19 -24.33 17.24
CA GLY A 235 -17.68 -24.00 18.56
C GLY A 235 -17.58 -22.51 18.80
N HIS A 236 -17.82 -21.73 17.76
CA HIS A 236 -17.77 -20.28 17.85
C HIS A 236 -19.17 -19.73 18.11
N GLU A 237 -19.25 -18.42 18.32
CA GLU A 237 -20.52 -17.76 18.60
C GLU A 237 -20.84 -16.66 17.60
N SER A 238 -20.04 -16.50 16.55
CA SER A 238 -20.29 -15.49 15.54
C SER A 238 -19.52 -15.87 14.28
N ASP A 239 -19.42 -14.93 13.34
CA ASP A 239 -18.84 -15.22 12.04
C ASP A 239 -17.37 -15.59 12.15
N ILE A 240 -16.92 -16.46 11.25
CA ILE A 240 -15.55 -16.96 11.23
C ILE A 240 -14.85 -16.38 10.01
N ASN A 241 -13.64 -15.84 10.22
CA ASN A 241 -12.90 -15.20 9.15
C ASN A 241 -11.41 -15.55 9.19
N ALA A 242 -11.08 -16.74 9.65
CA ALA A 242 -9.67 -17.15 9.73
C ALA A 242 -9.62 -18.67 9.91
N ILE A 243 -8.88 -19.34 9.03
CA ILE A 243 -8.72 -20.79 9.11
C ILE A 243 -7.29 -21.15 8.70
N CYS A 244 -6.62 -21.93 9.53
CA CYS A 244 -5.39 -22.62 9.17
C CYS A 244 -5.68 -24.12 9.09
N PHE A 245 -4.62 -24.92 8.88
CA PHE A 245 -4.85 -26.35 8.75
C PHE A 245 -3.77 -27.19 9.43
N PHE A 246 -2.91 -26.60 10.28
CA PHE A 246 -2.01 -27.35 11.15
C PHE A 246 -1.20 -28.37 10.36
N PRO A 247 -0.11 -27.96 9.67
CA PRO A 247 0.48 -28.78 8.60
C PRO A 247 0.75 -30.24 8.93
N ASN A 248 0.60 -30.63 10.20
CA ASN A 248 0.58 -32.06 10.53
C ASN A 248 -0.51 -32.79 9.74
N GLY A 249 -1.69 -32.19 9.63
CA GLY A 249 -2.78 -32.75 8.87
C GLY A 249 -3.89 -33.40 9.66
N ASN A 250 -3.93 -33.21 10.98
CA ASN A 250 -4.96 -33.82 11.83
C ASN A 250 -5.71 -32.80 12.66
N ALA A 251 -5.53 -31.50 12.40
CA ALA A 251 -6.21 -30.46 13.16
C ALA A 251 -6.22 -29.18 12.32
N PHE A 252 -7.00 -28.21 12.78
CA PHE A 252 -7.05 -26.92 12.11
C PHE A 252 -7.53 -25.85 13.08
N ALA A 253 -7.02 -24.64 12.87
CA ALA A 253 -7.34 -23.49 13.72
C ALA A 253 -8.44 -22.64 13.08
N THR A 254 -9.25 -22.02 13.92
CA THR A 254 -10.38 -21.22 13.48
C THR A 254 -10.42 -19.92 14.28
N GLY A 255 -10.66 -18.81 13.59
CA GLY A 255 -10.75 -17.51 14.23
C GLY A 255 -12.02 -16.80 13.84
N SER A 256 -12.61 -16.09 14.80
CA SER A 256 -13.89 -15.44 14.62
C SER A 256 -13.76 -13.95 14.91
N ASP A 257 -14.88 -13.23 14.75
CA ASP A 257 -14.89 -11.79 14.93
C ASP A 257 -14.67 -11.36 16.38
N ASP A 258 -14.84 -12.26 17.33
CA ASP A 258 -14.48 -12.00 18.72
C ASP A 258 -13.06 -12.48 18.98
N ALA A 259 -12.45 -11.93 20.03
CA ALA A 259 -11.04 -12.21 20.30
C ALA A 259 -10.86 -13.61 20.88
N THR A 260 -11.03 -14.62 20.03
CA THR A 260 -10.82 -16.00 20.46
C THR A 260 -10.52 -16.87 19.24
N CYS A 261 -9.66 -17.85 19.45
CA CYS A 261 -9.34 -18.86 18.44
C CYS A 261 -9.68 -20.23 19.01
N ARG A 262 -10.02 -21.18 18.15
CA ARG A 262 -10.31 -22.54 18.57
C ARG A 262 -9.61 -23.53 17.66
N LEU A 263 -9.00 -24.56 18.25
CA LEU A 263 -8.31 -25.60 17.50
C LEU A 263 -9.19 -26.84 17.49
N PHE A 264 -9.59 -27.26 16.29
CA PHE A 264 -10.47 -28.41 16.12
C PHE A 264 -9.67 -29.59 15.57
N ASP A 265 -9.77 -30.73 16.24
CA ASP A 265 -9.13 -31.93 15.75
C ASP A 265 -9.93 -32.54 14.61
N LEU A 266 -9.23 -33.19 13.69
CA LEU A 266 -9.88 -33.79 12.53
C LEU A 266 -10.43 -35.17 12.84
N ARG A 267 -9.60 -36.04 13.41
CA ARG A 267 -10.03 -37.39 13.72
C ARG A 267 -10.99 -37.42 14.90
N ALA A 268 -10.72 -36.61 15.93
CA ALA A 268 -11.59 -36.57 17.10
C ALA A 268 -12.92 -35.92 16.79
N ASP A 269 -12.95 -34.96 15.86
CA ASP A 269 -14.15 -34.24 15.46
C ASP A 269 -14.77 -33.56 16.69
N GLN A 270 -14.01 -32.60 17.22
CA GLN A 270 -14.42 -31.77 18.34
C GLN A 270 -13.33 -30.73 18.59
N GLU A 271 -13.73 -29.62 19.22
CA GLU A 271 -12.77 -28.58 19.54
C GLU A 271 -11.80 -29.07 20.61
N LEU A 272 -10.51 -28.88 20.37
CA LEU A 272 -9.50 -29.30 21.33
C LEU A 272 -9.33 -28.27 22.44
N MET A 273 -8.99 -27.03 22.07
CA MET A 273 -8.84 -25.98 23.06
C MET A 273 -9.02 -24.62 22.39
N THR A 274 -9.33 -23.63 23.22
CA THR A 274 -9.54 -22.26 22.77
C THR A 274 -8.50 -21.34 23.39
N TYR A 275 -7.99 -20.42 22.57
CA TYR A 275 -7.05 -19.39 22.99
C TYR A 275 -7.79 -18.06 23.04
N SER A 276 -7.84 -17.45 24.23
CA SER A 276 -8.51 -16.17 24.42
C SER A 276 -7.94 -15.50 25.66
N HIS A 277 -8.15 -14.20 25.75
CA HIS A 277 -7.67 -13.42 26.89
C HIS A 277 -8.68 -12.33 27.20
N ASP A 278 -8.70 -11.90 28.45
CA ASP A 278 -9.60 -10.84 28.88
C ASP A 278 -9.14 -9.47 28.42
N ASN A 279 -7.89 -9.34 27.97
CA ASN A 279 -7.35 -8.06 27.53
C ASN A 279 -7.57 -7.79 26.05
N ILE A 280 -8.13 -8.75 25.30
CA ILE A 280 -8.37 -8.61 23.87
C ILE A 280 -9.87 -8.68 23.62
N ILE A 281 -10.38 -7.72 22.86
CA ILE A 281 -11.80 -7.68 22.50
C ILE A 281 -12.03 -7.59 21.00
N CYS A 282 -11.06 -7.13 20.21
CA CYS A 282 -11.26 -6.85 18.80
C CYS A 282 -11.35 -8.15 18.00
N GLY A 283 -11.38 -8.00 16.68
CA GLY A 283 -11.58 -9.12 15.78
C GLY A 283 -10.32 -9.92 15.51
N ILE A 284 -10.48 -10.94 14.66
CA ILE A 284 -9.40 -11.84 14.30
C ILE A 284 -9.45 -12.04 12.79
N THR A 285 -8.29 -11.94 12.14
CA THR A 285 -8.19 -12.13 10.70
C THR A 285 -6.91 -12.88 10.36
N SER A 286 -7.03 -13.84 9.43
CA SER A 286 -5.89 -14.52 8.82
C SER A 286 -5.03 -15.23 9.88
N VAL A 287 -5.64 -16.24 10.49
CA VAL A 287 -4.93 -17.09 11.44
C VAL A 287 -4.14 -18.15 10.67
N SER A 288 -2.84 -18.22 10.94
CA SER A 288 -1.96 -19.18 10.28
C SER A 288 -1.01 -19.80 11.29
N PHE A 289 -0.56 -21.01 10.98
CA PHE A 289 0.31 -21.79 11.84
C PHE A 289 1.77 -21.63 11.40
N SER A 290 2.65 -22.34 12.10
CA SER A 290 4.06 -22.42 11.74
C SER A 290 4.35 -23.77 11.08
N LYS A 291 5.62 -23.98 10.73
CA LYS A 291 5.99 -25.22 10.06
C LYS A 291 5.98 -26.42 11.01
N SER A 292 6.02 -26.18 12.33
CA SER A 292 5.97 -27.26 13.31
C SER A 292 4.68 -27.29 14.11
N GLY A 293 4.01 -26.14 14.28
CA GLY A 293 2.77 -26.08 15.02
C GLY A 293 2.87 -25.56 16.44
N ARG A 294 4.09 -25.31 16.94
CA ARG A 294 4.23 -24.77 18.28
C ARG A 294 3.60 -23.38 18.38
N LEU A 295 3.77 -22.57 17.36
CA LEU A 295 3.34 -21.17 17.38
C LEU A 295 2.14 -21.00 16.45
N LEU A 296 1.11 -20.34 16.94
CA LEU A 296 -0.07 -20.00 16.14
C LEU A 296 -0.21 -18.49 16.15
N LEU A 297 -0.13 -17.87 14.98
CA LEU A 297 -0.10 -16.42 14.87
C LEU A 297 -1.47 -15.91 14.45
N ALA A 298 -2.02 -14.98 15.23
CA ALA A 298 -3.35 -14.44 15.01
C ALA A 298 -3.28 -12.95 14.75
N GLY A 299 -3.88 -12.52 13.64
CA GLY A 299 -3.95 -11.10 13.31
C GLY A 299 -5.16 -10.44 13.90
N TYR A 300 -4.97 -9.75 15.02
CA TYR A 300 -6.05 -9.07 15.72
C TYR A 300 -6.33 -7.72 15.07
N ASP A 301 -7.42 -7.09 15.52
CA ASP A 301 -7.87 -5.82 14.97
C ASP A 301 -7.52 -4.63 15.85
N ASP A 302 -6.67 -4.82 16.86
CA ASP A 302 -6.21 -3.73 17.73
C ASP A 302 -4.85 -3.22 17.29
N PHE A 303 -4.61 -3.18 15.98
CA PHE A 303 -3.43 -2.60 15.36
C PHE A 303 -2.16 -3.41 15.61
N ASN A 304 -2.29 -4.66 16.05
CA ASN A 304 -1.12 -5.51 16.27
C ASN A 304 -1.54 -6.96 16.24
N CYS A 305 -0.55 -7.84 16.05
CA CYS A 305 -0.76 -9.27 15.98
C CYS A 305 -0.26 -9.94 17.25
N ASN A 306 -0.72 -11.18 17.48
CA ASN A 306 -0.32 -11.93 18.66
C ASN A 306 0.13 -13.32 18.27
N VAL A 307 0.96 -13.92 19.14
CA VAL A 307 1.47 -15.27 18.94
C VAL A 307 1.04 -16.09 20.15
N TRP A 308 0.40 -17.22 19.88
CA TRP A 308 -0.14 -18.10 20.92
C TRP A 308 0.59 -19.43 20.88
N ASP A 309 0.72 -20.06 22.04
CA ASP A 309 1.22 -21.42 22.10
C ASP A 309 0.09 -22.40 21.79
N ALA A 310 0.20 -23.09 20.66
CA ALA A 310 -0.83 -24.00 20.21
C ALA A 310 -0.81 -25.33 20.96
N LEU A 311 0.02 -25.45 22.00
CA LEU A 311 0.11 -26.68 22.78
C LEU A 311 -0.45 -26.52 24.19
N LYS A 312 0.03 -25.55 24.96
CA LYS A 312 -0.41 -25.43 26.34
C LYS A 312 -1.61 -24.49 26.49
N ALA A 313 -1.42 -23.20 26.18
CA ALA A 313 -2.44 -22.16 26.31
C ALA A 313 -1.82 -20.77 26.22
N ASP A 314 -0.73 -20.56 26.92
CA ASP A 314 -0.23 -19.22 27.21
C ASP A 314 0.27 -18.52 25.93
N ARG A 315 0.27 -17.19 26.00
CA ARG A 315 0.79 -16.38 24.91
C ARG A 315 2.31 -16.49 24.82
N ALA A 316 2.85 -16.06 23.69
CA ALA A 316 4.28 -16.09 23.45
C ALA A 316 4.88 -14.74 23.09
N GLY A 317 4.16 -13.93 22.31
CA GLY A 317 4.70 -12.63 21.93
C GLY A 317 3.65 -11.78 21.26
N VAL A 318 3.99 -10.49 21.13
CA VAL A 318 3.13 -9.49 20.51
C VAL A 318 3.91 -8.81 19.41
N LEU A 319 3.33 -8.72 18.22
CA LEU A 319 3.93 -8.04 17.08
C LEU A 319 3.18 -6.72 16.90
N ALA A 320 3.75 -5.64 17.43
CA ALA A 320 3.10 -4.35 17.48
C ALA A 320 3.63 -3.38 16.43
N GLY A 321 4.41 -3.86 15.45
CA GLY A 321 4.96 -2.99 14.44
C GLY A 321 4.01 -2.72 13.29
N HIS A 322 2.88 -2.08 13.60
CA HIS A 322 1.89 -1.75 12.57
C HIS A 322 1.09 -0.55 13.03
N ASP A 323 0.43 0.10 12.07
CA ASP A 323 -0.34 1.31 12.34
C ASP A 323 -1.84 1.04 12.34
N ASN A 324 -2.37 0.47 11.26
CA ASN A 324 -3.79 0.19 11.14
C ASN A 324 -4.06 -1.26 11.53
N ARG A 325 -5.32 -1.67 11.40
CA ARG A 325 -5.73 -3.01 11.77
C ARG A 325 -5.07 -4.04 10.87
N VAL A 326 -4.44 -5.03 11.48
CA VAL A 326 -3.79 -6.11 10.72
C VAL A 326 -4.88 -6.96 10.09
N SER A 327 -4.85 -7.09 8.75
CA SER A 327 -5.88 -7.80 8.03
C SER A 327 -5.42 -9.12 7.44
N CYS A 328 -4.11 -9.30 7.22
CA CYS A 328 -3.60 -10.53 6.65
C CYS A 328 -2.32 -10.93 7.38
N LEU A 329 -2.10 -12.24 7.45
CA LEU A 329 -0.90 -12.79 8.09
C LEU A 329 -0.60 -14.14 7.43
N GLY A 330 0.68 -14.41 7.22
CA GLY A 330 1.07 -15.65 6.58
C GLY A 330 2.50 -16.01 6.93
N VAL A 331 2.83 -17.29 6.73
CA VAL A 331 4.16 -17.80 7.00
C VAL A 331 4.65 -18.57 5.78
N THR A 332 5.97 -18.60 5.60
CA THR A 332 6.57 -19.30 4.48
C THR A 332 6.45 -20.81 4.68
N ASP A 333 6.71 -21.54 3.59
CA ASP A 333 6.66 -23.00 3.66
C ASP A 333 7.72 -23.55 4.61
N ASP A 334 8.93 -22.99 4.57
CA ASP A 334 10.01 -23.41 5.45
C ASP A 334 9.98 -22.74 6.81
N GLY A 335 9.04 -21.81 7.04
CA GLY A 335 8.97 -21.14 8.31
C GLY A 335 10.10 -20.18 8.60
N MET A 336 10.73 -19.64 7.55
CA MET A 336 11.86 -18.74 7.77
C MET A 336 11.40 -17.39 8.32
N ALA A 337 10.29 -16.86 7.81
CA ALA A 337 9.82 -15.54 8.18
C ALA A 337 8.30 -15.49 8.09
N VAL A 338 7.73 -14.47 8.71
CA VAL A 338 6.28 -14.28 8.75
C VAL A 338 5.94 -12.92 8.17
N ALA A 339 5.05 -12.90 7.18
CA ALA A 339 4.57 -11.66 6.58
C ALA A 339 3.28 -11.23 7.25
N THR A 340 3.16 -9.94 7.53
CA THR A 340 1.97 -9.36 8.15
C THR A 340 1.59 -8.10 7.39
N GLY A 341 0.31 -7.97 7.08
CA GLY A 341 -0.18 -6.83 6.32
C GLY A 341 -1.43 -6.25 6.95
N SER A 342 -1.48 -4.92 7.00
CA SER A 342 -2.57 -4.19 7.65
C SER A 342 -3.14 -3.20 6.64
N TRP A 343 -4.03 -2.34 7.12
CA TRP A 343 -4.69 -1.36 6.27
C TRP A 343 -3.86 -0.10 6.06
N ASP A 344 -2.67 -0.01 6.68
CA ASP A 344 -1.79 1.14 6.53
C ASP A 344 -0.88 1.03 5.32
N SER A 345 -1.21 0.16 4.35
CA SER A 345 -0.42 -0.06 3.15
C SER A 345 1.04 -0.37 3.47
N PHE A 346 1.26 -1.16 4.51
CA PHE A 346 2.61 -1.54 4.94
C PHE A 346 2.65 -3.04 5.15
N LEU A 347 3.70 -3.68 4.64
CA LEU A 347 3.94 -5.11 4.82
C LEU A 347 5.19 -5.28 5.68
N LYS A 348 5.07 -6.05 6.76
CA LYS A 348 6.16 -6.25 7.69
C LYS A 348 6.54 -7.73 7.70
N ILE A 349 7.83 -8.01 7.51
CA ILE A 349 8.35 -9.37 7.52
C ILE A 349 9.16 -9.55 8.79
N TRP A 350 8.73 -10.50 9.62
CA TRP A 350 9.28 -10.72 10.94
C TRP A 350 10.07 -12.02 10.95
N ASN A 351 11.22 -12.00 11.63
CA ASN A 351 12.11 -13.15 11.71
C ASN A 351 12.65 -13.25 13.13
N GLY A 352 13.05 -14.47 13.50
CA GLY A 352 13.58 -14.71 14.83
C GLY A 352 14.95 -14.08 15.04
N SER A 353 15.32 -14.00 16.32
CA SER A 353 16.61 -13.42 16.70
C SER A 353 17.73 -14.43 16.56
N VAL B 40 6.37 -12.63 -30.66
CA VAL B 40 7.66 -11.97 -30.45
C VAL B 40 8.53 -12.09 -31.71
N GLN B 41 9.08 -10.96 -32.14
CA GLN B 41 9.93 -10.93 -33.32
C GLN B 41 10.81 -9.68 -33.29
N LEU B 42 12.08 -9.87 -33.63
CA LEU B 42 13.05 -8.79 -33.71
C LEU B 42 13.68 -8.81 -35.09
N VAL B 43 13.51 -7.72 -35.84
CA VAL B 43 14.05 -7.61 -37.19
C VAL B 43 14.86 -6.33 -37.28
N GLU B 44 16.07 -6.43 -37.84
CA GLU B 44 17.01 -5.33 -37.89
C GLU B 44 17.29 -4.94 -39.34
N SER B 45 17.61 -3.66 -39.52
CA SER B 45 17.93 -3.12 -40.84
C SER B 45 18.97 -2.02 -40.68
N GLY B 46 19.64 -1.72 -41.79
CA GLY B 46 20.65 -0.67 -41.79
C GLY B 46 22.03 -1.15 -42.18
N GLY B 47 22.12 -2.35 -42.75
CA GLY B 47 23.39 -2.90 -43.17
C GLY B 47 23.83 -2.39 -44.53
N GLY B 48 25.02 -2.81 -44.92
CA GLY B 48 25.59 -2.44 -46.19
C GLY B 48 27.10 -2.27 -46.07
N LEU B 49 27.68 -1.70 -47.11
CA LEU B 49 29.12 -1.43 -47.18
C LEU B 49 29.35 0.06 -46.99
N VAL B 50 30.24 0.40 -46.06
CA VAL B 50 30.48 1.79 -45.68
C VAL B 50 31.98 2.04 -45.60
N GLN B 51 32.40 3.19 -46.13
CA GLN B 51 33.80 3.58 -46.06
C GLN B 51 34.21 3.85 -44.62
N PRO B 52 35.49 3.67 -44.29
CA PRO B 52 35.94 3.94 -42.92
C PRO B 52 35.73 5.40 -42.54
N GLY B 53 35.39 5.61 -41.27
CA GLY B 53 35.13 6.95 -40.76
C GLY B 53 33.73 7.46 -40.98
N GLY B 54 32.86 6.69 -41.64
CA GLY B 54 31.51 7.10 -41.89
C GLY B 54 30.60 6.88 -40.70
N SER B 55 29.36 7.35 -40.84
CA SER B 55 28.33 7.23 -39.83
C SER B 55 27.13 6.51 -40.40
N ARG B 56 26.62 5.52 -39.66
CA ARG B 56 25.45 4.76 -40.09
C ARG B 56 24.68 4.33 -38.86
N LYS B 57 23.37 4.15 -39.02
CA LYS B 57 22.55 3.74 -37.88
C LYS B 57 21.82 2.46 -38.21
N LEU B 58 21.67 1.61 -37.19
CA LEU B 58 20.97 0.35 -37.32
C LEU B 58 19.66 0.42 -36.53
N SER B 59 18.57 0.02 -37.18
CA SER B 59 17.25 0.06 -36.58
C SER B 59 16.78 -1.36 -36.30
N CYS B 60 16.47 -1.63 -35.04
CA CYS B 60 15.94 -2.92 -34.58
C CYS B 60 14.50 -2.69 -34.17
N SER B 61 13.56 -3.15 -35.01
CA SER B 61 12.15 -2.97 -34.71
C SER B 61 11.58 -4.23 -34.06
N ALA B 62 10.91 -4.05 -32.94
CA ALA B 62 10.38 -5.15 -32.14
C ALA B 62 8.87 -5.24 -32.34
N SER B 63 8.37 -6.44 -32.59
CA SER B 63 6.95 -6.67 -32.78
C SER B 63 6.54 -7.98 -32.12
N GLY B 64 5.72 -7.89 -31.08
CA GLY B 64 5.19 -9.06 -30.41
C GLY B 64 5.41 -9.14 -28.92
N PHE B 65 6.00 -8.12 -28.29
CA PHE B 65 6.24 -8.14 -26.86
C PHE B 65 6.33 -6.71 -26.36
N ALA B 66 6.53 -6.57 -25.05
CA ALA B 66 6.62 -5.26 -24.40
C ALA B 66 8.06 -4.76 -24.51
N PHE B 67 8.31 -3.85 -25.46
CA PHE B 67 9.65 -3.31 -25.65
C PHE B 67 10.04 -2.38 -24.51
N SER B 68 9.08 -1.65 -23.94
CA SER B 68 9.39 -0.66 -22.91
C SER B 68 9.83 -1.30 -21.61
N SER B 69 9.49 -2.57 -21.37
CA SER B 69 9.84 -3.27 -20.14
C SER B 69 11.02 -4.23 -20.33
N PHE B 70 11.72 -4.13 -21.45
CA PHE B 70 12.81 -5.03 -21.78
C PHE B 70 14.06 -4.23 -22.11
N GLY B 71 15.15 -4.51 -21.40
CA GLY B 71 16.43 -3.95 -21.77
C GLY B 71 16.94 -4.56 -23.06
N MET B 72 17.76 -3.81 -23.79
CA MET B 72 18.20 -4.22 -25.11
C MET B 72 19.72 -4.22 -25.17
N HIS B 73 20.28 -5.20 -25.88
CA HIS B 73 21.71 -5.31 -26.09
C HIS B 73 22.02 -5.38 -27.58
N TRP B 74 23.16 -4.83 -27.95
CA TRP B 74 23.73 -4.97 -29.29
C TRP B 74 25.01 -5.79 -29.16
N VAL B 75 25.08 -6.89 -29.92
CA VAL B 75 26.20 -7.83 -29.87
C VAL B 75 26.67 -8.10 -31.28
N ARG B 76 27.98 -8.04 -31.51
CA ARG B 76 28.53 -8.18 -32.86
C ARG B 76 29.30 -9.49 -32.98
N GLN B 77 29.26 -10.06 -34.19
CA GLN B 77 30.05 -11.25 -34.52
C GLN B 77 30.86 -11.01 -35.78
N ALA B 78 32.16 -11.28 -35.69
CA ALA B 78 33.02 -11.20 -36.86
C ALA B 78 32.66 -12.32 -37.84
N PRO B 79 32.98 -12.15 -39.12
CA PRO B 79 32.61 -13.18 -40.11
C PRO B 79 33.21 -14.55 -39.81
N GLU B 80 34.40 -14.61 -39.20
CA GLU B 80 35.02 -15.89 -38.87
C GLU B 80 35.43 -16.03 -37.41
N LYS B 81 35.42 -14.95 -36.63
CA LYS B 81 35.82 -15.01 -35.23
C LYS B 81 34.59 -15.25 -34.36
N GLY B 82 34.76 -15.11 -33.04
CA GLY B 82 33.70 -15.37 -32.09
C GLY B 82 32.77 -14.19 -31.91
N LEU B 83 31.86 -14.35 -30.96
CA LEU B 83 30.86 -13.33 -30.66
C LEU B 83 31.45 -12.27 -29.75
N GLU B 84 31.10 -11.01 -30.02
CA GLU B 84 31.66 -9.89 -29.27
C GLU B 84 30.55 -8.93 -28.89
N TRP B 85 30.54 -8.53 -27.62
CA TRP B 85 29.57 -7.59 -27.08
C TRP B 85 29.85 -6.18 -27.60
N VAL B 86 28.79 -5.41 -27.76
CA VAL B 86 28.93 -4.02 -28.21
C VAL B 86 28.38 -3.06 -27.16
N ALA B 87 27.08 -3.14 -26.87
CA ALA B 87 26.48 -2.13 -26.01
C ALA B 87 25.17 -2.66 -25.43
N TYR B 88 24.60 -1.86 -24.53
CA TYR B 88 23.33 -2.21 -23.90
C TYR B 88 22.67 -0.96 -23.34
N ILE B 89 21.35 -0.90 -23.41
CA ILE B 89 20.55 0.18 -22.84
C ILE B 89 19.41 -0.43 -22.04
N SER B 90 19.21 0.07 -20.82
CA SER B 90 18.18 -0.44 -19.94
C SER B 90 16.81 0.13 -20.32
N SER B 91 15.77 -0.42 -19.69
CA SER B 91 14.43 0.09 -19.88
C SER B 91 14.31 1.51 -19.34
N GLY B 92 13.71 2.40 -20.13
CA GLY B 92 13.62 3.80 -19.76
C GLY B 92 14.89 4.59 -19.96
N SER B 93 15.89 4.02 -20.64
CA SER B 93 17.17 4.70 -20.90
C SER B 93 17.83 5.17 -19.59
N GLY B 94 17.78 4.31 -18.58
CA GLY B 94 18.38 4.65 -17.29
C GLY B 94 19.87 4.38 -17.26
N THR B 95 20.26 3.15 -17.54
CA THR B 95 21.66 2.74 -17.57
C THR B 95 22.05 2.36 -18.99
N ILE B 96 23.10 2.99 -19.50
CA ILE B 96 23.63 2.71 -20.84
C ILE B 96 25.09 2.33 -20.70
N TYR B 97 25.48 1.22 -21.29
CA TYR B 97 26.84 0.71 -21.19
C TYR B 97 27.39 0.37 -22.58
N TYR B 98 28.69 0.59 -22.73
CA TYR B 98 29.41 0.30 -23.97
C TYR B 98 30.64 -0.53 -23.63
N ALA B 99 31.06 -1.35 -24.58
CA ALA B 99 32.28 -2.13 -24.39
C ALA B 99 33.51 -1.23 -24.52
N ASP B 100 34.67 -1.80 -24.18
CA ASP B 100 35.90 -1.01 -24.13
C ASP B 100 36.28 -0.47 -25.50
N THR B 101 36.21 -1.30 -26.54
CA THR B 101 36.63 -0.87 -27.86
C THR B 101 35.67 0.13 -28.49
N VAL B 102 34.50 0.33 -27.87
CA VAL B 102 33.44 1.12 -28.49
C VAL B 102 33.01 2.28 -27.59
N LYS B 103 33.68 2.47 -26.47
CA LYS B 103 33.26 3.47 -25.48
C LYS B 103 33.55 4.87 -25.98
N GLY B 104 32.57 5.76 -25.85
CA GLY B 104 32.75 7.15 -26.21
C GLY B 104 32.69 7.45 -27.70
N ARG B 105 32.38 6.44 -28.53
CA ARG B 105 32.33 6.59 -29.97
C ARG B 105 30.95 6.28 -30.52
N PHE B 106 30.30 5.24 -30.01
CA PHE B 106 28.99 4.77 -30.45
C PHE B 106 27.90 5.46 -29.63
N THR B 107 26.68 5.45 -30.15
CA THR B 107 25.56 5.94 -29.37
C THR B 107 24.34 5.06 -29.58
N ILE B 108 23.45 5.05 -28.59
CA ILE B 108 22.26 4.22 -28.60
C ILE B 108 21.07 5.05 -28.13
N SER B 109 19.87 4.63 -28.54
CA SER B 109 18.65 5.32 -28.13
C SER B 109 17.45 4.42 -28.36
N ARG B 110 16.37 4.75 -27.65
CA ARG B 110 15.12 3.99 -27.68
C ARG B 110 13.96 4.95 -27.85
N ASP B 111 12.83 4.41 -28.32
CA ASP B 111 11.58 5.16 -28.35
C ASP B 111 10.45 4.15 -28.17
N ASP B 112 9.84 4.17 -26.98
CA ASP B 112 8.76 3.23 -26.69
C ASP B 112 7.57 3.36 -27.63
N PRO B 113 7.04 4.56 -27.94
CA PRO B 113 5.85 4.62 -28.80
C PRO B 113 6.05 3.98 -30.17
N LYS B 114 7.23 4.13 -30.77
CA LYS B 114 7.49 3.51 -32.07
C LYS B 114 7.96 2.07 -31.95
N ASN B 115 8.31 1.62 -30.74
CA ASN B 115 8.72 0.24 -30.49
C ASN B 115 9.92 -0.14 -31.35
N THR B 116 11.02 0.59 -31.17
CA THR B 116 12.23 0.35 -31.96
C THR B 116 13.45 0.82 -31.18
N LEU B 117 14.61 0.34 -31.64
CA LEU B 117 15.90 0.62 -31.05
C LEU B 117 16.84 1.15 -32.12
N PHE B 118 17.52 2.26 -31.85
CA PHE B 118 18.52 2.78 -32.77
C PHE B 118 19.90 2.75 -32.14
N LEU B 119 20.89 2.35 -32.94
CA LEU B 119 22.29 2.48 -32.55
C LEU B 119 23.00 3.19 -33.69
N GLN B 120 23.57 4.35 -33.40
CA GLN B 120 24.21 5.19 -34.39
C GLN B 120 25.73 5.11 -34.23
N MET B 121 26.43 5.05 -35.36
CA MET B 121 27.81 4.62 -35.46
C MET B 121 28.61 5.70 -36.18
N THR B 122 29.66 6.20 -35.51
CA THR B 122 30.50 7.26 -36.04
C THR B 122 31.95 6.83 -36.07
N SER B 123 32.68 7.29 -37.08
CA SER B 123 34.12 7.04 -37.24
C SER B 123 34.41 5.53 -37.25
N LEU B 124 33.87 4.86 -38.26
CA LEU B 124 34.04 3.42 -38.39
C LEU B 124 35.44 3.08 -38.91
N ARG B 125 35.89 1.87 -38.57
CA ARG B 125 37.18 1.35 -38.98
C ARG B 125 37.00 -0.02 -39.61
N SER B 126 38.12 -0.61 -40.04
CA SER B 126 38.09 -1.92 -40.69
C SER B 126 37.81 -3.05 -39.71
N GLU B 127 37.93 -2.80 -38.40
CA GLU B 127 37.66 -3.82 -37.40
C GLU B 127 36.18 -3.90 -37.01
N ASP B 128 35.34 -3.01 -37.53
CA ASP B 128 33.92 -2.98 -37.18
C ASP B 128 33.06 -3.78 -38.13
N THR B 129 33.64 -4.43 -39.14
CA THR B 129 32.86 -5.25 -40.07
C THR B 129 32.38 -6.50 -39.34
N ALA B 130 31.10 -6.52 -38.98
CA ALA B 130 30.54 -7.62 -38.21
C ALA B 130 29.04 -7.66 -38.40
N MET B 131 28.47 -8.82 -38.09
CA MET B 131 27.03 -9.01 -38.10
C MET B 131 26.51 -8.59 -36.72
N TYR B 132 25.57 -7.65 -36.70
CA TYR B 132 25.07 -7.07 -35.47
C TYR B 132 23.73 -7.67 -35.10
N TYR B 133 23.59 -8.10 -33.85
CA TYR B 133 22.38 -8.70 -33.33
C TYR B 133 21.81 -7.80 -32.24
N CYS B 134 20.53 -7.44 -32.39
CA CYS B 134 19.77 -6.77 -31.36
C CYS B 134 19.03 -7.84 -30.55
N VAL B 135 19.24 -7.84 -29.24
CA VAL B 135 18.67 -8.87 -28.38
C VAL B 135 17.97 -8.21 -27.20
N ARG B 136 17.04 -8.95 -26.61
CA ARG B 136 16.24 -8.47 -25.50
C ARG B 136 16.62 -9.23 -24.23
N SER B 137 16.46 -8.57 -23.09
CA SER B 137 16.75 -9.18 -21.81
C SER B 137 15.92 -8.48 -20.74
N ILE B 138 15.39 -9.27 -19.82
CA ILE B 138 14.62 -8.76 -18.70
C ILE B 138 15.32 -9.20 -17.41
N TYR B 139 15.24 -8.35 -16.39
CA TYR B 139 16.03 -8.52 -15.17
C TYR B 139 15.12 -8.44 -13.95
N TYR B 140 14.62 -9.61 -13.53
CA TYR B 140 13.94 -9.74 -12.25
C TYR B 140 14.28 -11.12 -11.70
N TYR B 141 13.68 -11.46 -10.55
CA TYR B 141 13.97 -12.75 -9.93
C TYR B 141 13.42 -13.87 -10.79
N GLY B 142 14.28 -14.85 -11.09
CA GLY B 142 13.89 -15.95 -11.95
C GLY B 142 13.61 -15.53 -13.38
N SER B 143 14.35 -14.57 -13.89
CA SER B 143 14.19 -14.11 -15.27
C SER B 143 15.15 -14.85 -16.19
N SER B 144 14.96 -14.66 -17.49
CA SER B 144 15.77 -15.30 -18.53
C SER B 144 16.30 -14.24 -19.47
N PRO B 145 17.35 -13.52 -19.08
CA PRO B 145 17.95 -12.53 -19.98
C PRO B 145 18.59 -13.19 -21.19
N PHE B 146 18.63 -12.44 -22.29
CA PHE B 146 19.15 -12.91 -23.57
C PHE B 146 18.37 -14.12 -24.08
N ASP B 147 17.08 -14.19 -23.76
CA ASP B 147 16.27 -15.32 -24.19
C ASP B 147 16.02 -15.30 -25.69
N PHE B 148 15.74 -14.13 -26.25
CA PHE B 148 15.41 -13.98 -27.66
C PHE B 148 16.43 -13.08 -28.33
N TRP B 149 16.88 -13.48 -29.52
CA TRP B 149 17.84 -12.72 -30.31
C TRP B 149 17.18 -12.26 -31.60
N GLY B 150 17.82 -11.27 -32.24
CA GLY B 150 17.33 -10.72 -33.48
C GLY B 150 17.77 -11.52 -34.69
N GLN B 151 17.48 -10.98 -35.88
CA GLN B 151 17.83 -11.63 -37.12
C GLN B 151 19.23 -11.31 -37.61
N GLY B 152 19.72 -10.10 -37.36
CA GLY B 152 21.07 -9.75 -37.70
C GLY B 152 21.16 -8.93 -38.97
N THR B 153 22.18 -8.06 -39.04
CA THR B 153 22.45 -7.24 -40.20
C THR B 153 23.92 -7.36 -40.58
N THR B 154 24.17 -7.48 -41.88
CA THR B 154 25.53 -7.63 -42.39
C THR B 154 26.10 -6.25 -42.68
N LEU B 155 27.18 -5.90 -41.98
CA LEU B 155 27.84 -4.61 -42.15
C LEU B 155 29.29 -4.84 -42.58
N THR B 156 29.71 -4.16 -43.64
CA THR B 156 31.04 -4.33 -44.21
C THR B 156 31.73 -2.98 -44.28
N VAL B 157 33.01 -2.95 -43.91
CA VAL B 157 33.86 -1.77 -44.05
C VAL B 157 35.09 -2.19 -44.86
N SER B 158 35.29 -1.55 -46.00
CA SER B 158 36.40 -1.87 -46.88
C SER B 158 37.57 -0.91 -46.64
N SER B 159 38.76 -1.34 -47.07
CA SER B 159 39.96 -0.54 -46.91
C SER B 159 41.00 -0.89 -47.97
N SER B 174 41.14 -5.48 -16.14
CA SER B 174 40.38 -6.08 -15.05
C SER B 174 39.17 -6.83 -15.58
N ASP B 175 38.99 -6.79 -16.91
CA ASP B 175 37.86 -7.47 -17.53
C ASP B 175 38.02 -8.99 -17.39
N ILE B 176 36.91 -9.67 -17.17
CA ILE B 176 36.93 -11.12 -17.00
C ILE B 176 37.07 -11.78 -18.37
N VAL B 177 38.09 -12.63 -18.51
CA VAL B 177 38.31 -13.40 -19.72
C VAL B 177 37.70 -14.78 -19.52
N MET B 178 37.11 -15.32 -20.59
CA MET B 178 36.34 -16.55 -20.53
C MET B 178 36.82 -17.47 -21.64
N THR B 179 37.57 -18.51 -21.27
CA THR B 179 38.27 -19.35 -22.23
C THR B 179 37.68 -20.76 -22.24
N GLN B 180 37.62 -21.35 -23.43
CA GLN B 180 37.19 -22.72 -23.63
C GLN B 180 38.38 -23.54 -24.12
N ALA B 181 38.65 -24.65 -23.43
CA ALA B 181 39.82 -25.47 -23.77
C ALA B 181 39.69 -26.09 -25.16
N THR B 182 38.50 -26.58 -25.52
CA THR B 182 38.29 -27.25 -26.78
C THR B 182 37.58 -26.32 -27.76
N SER B 183 38.08 -26.27 -28.99
CA SER B 183 37.49 -25.42 -30.02
C SER B 183 36.66 -26.21 -31.03
N SER B 184 36.99 -27.47 -31.28
CA SER B 184 36.24 -28.30 -32.20
C SER B 184 36.40 -29.75 -31.82
N VAL B 185 35.27 -30.46 -31.72
CA VAL B 185 35.27 -31.88 -31.37
C VAL B 185 34.23 -32.60 -32.23
N PRO B 186 34.58 -33.73 -32.85
CA PRO B 186 33.58 -34.49 -33.61
C PRO B 186 32.50 -35.05 -32.69
N VAL B 187 31.29 -35.14 -33.24
CA VAL B 187 30.13 -35.63 -32.49
C VAL B 187 29.38 -36.63 -33.34
N THR B 188 28.58 -37.47 -32.67
CA THR B 188 27.78 -38.49 -33.31
C THR B 188 26.35 -38.42 -32.78
N PRO B 189 25.37 -38.76 -33.61
CA PRO B 189 23.96 -38.67 -33.17
C PRO B 189 23.57 -39.77 -32.20
N GLY B 190 23.80 -39.57 -30.91
CA GLY B 190 23.40 -40.54 -29.92
C GLY B 190 24.32 -40.65 -28.71
N GLU B 191 25.46 -39.97 -28.74
CA GLU B 191 26.39 -39.97 -27.62
C GLU B 191 26.27 -38.69 -26.82
N SER B 192 26.83 -38.72 -25.61
CA SER B 192 26.83 -37.59 -24.69
C SER B 192 28.14 -36.85 -24.80
N VAL B 193 28.08 -35.51 -24.87
CA VAL B 193 29.25 -34.68 -25.07
C VAL B 193 29.30 -33.61 -23.99
N SER B 194 30.49 -33.40 -23.44
CA SER B 194 30.71 -32.42 -22.39
C SER B 194 31.58 -31.28 -22.92
N ILE B 195 31.17 -30.05 -22.60
CA ILE B 195 31.89 -28.84 -23.01
C ILE B 195 32.33 -28.11 -21.76
N SER B 196 33.61 -27.76 -21.69
CA SER B 196 34.19 -27.15 -20.50
C SER B 196 34.37 -25.66 -20.71
N CYS B 197 33.96 -24.87 -19.72
CA CYS B 197 34.10 -23.42 -19.74
C CYS B 197 34.92 -22.98 -18.53
N ARG B 198 35.79 -22.00 -18.74
CA ARG B 198 36.65 -21.48 -17.68
C ARG B 198 36.53 -19.97 -17.62
N SER B 199 36.79 -19.42 -16.43
CA SER B 199 36.69 -17.99 -16.20
C SER B 199 37.92 -17.53 -15.45
N SER B 200 38.25 -16.23 -15.60
CA SER B 200 39.35 -15.64 -14.87
C SER B 200 38.97 -15.24 -13.45
N LYS B 201 37.69 -15.19 -13.13
CA LYS B 201 37.21 -14.85 -11.80
C LYS B 201 36.08 -15.77 -11.41
N SER B 202 35.89 -15.94 -10.10
CA SER B 202 34.82 -16.80 -9.60
C SER B 202 33.47 -16.12 -9.84
N LEU B 203 32.65 -16.72 -10.69
CA LEU B 203 31.34 -16.16 -11.02
C LEU B 203 30.33 -16.30 -9.89
N LEU B 204 30.65 -17.07 -8.85
CA LEU B 204 29.74 -17.28 -7.73
C LEU B 204 29.83 -16.07 -6.82
N HIS B 205 28.82 -15.21 -6.85
CA HIS B 205 28.79 -14.04 -5.99
C HIS B 205 28.20 -14.43 -4.62
N SER B 206 28.25 -13.48 -3.69
CA SER B 206 27.77 -13.74 -2.33
C SER B 206 26.25 -13.61 -2.26
N ASN B 207 25.54 -14.29 -3.17
CA ASN B 207 24.09 -14.34 -3.13
C ASN B 207 23.53 -15.74 -3.34
N GLY B 208 24.32 -16.71 -3.79
CA GLY B 208 23.88 -18.07 -3.95
C GLY B 208 23.63 -18.53 -5.37
N ASN B 209 23.93 -17.71 -6.38
CA ASN B 209 23.70 -18.10 -7.76
C ASN B 209 24.90 -17.71 -8.62
N THR B 210 25.18 -18.54 -9.61
CA THR B 210 26.21 -18.30 -10.60
C THR B 210 25.59 -17.61 -11.81
N TYR B 211 26.42 -16.90 -12.58
CA TYR B 211 25.96 -16.05 -13.66
C TYR B 211 26.42 -16.57 -15.02
N LEU B 212 26.30 -17.88 -15.23
CA LEU B 212 26.60 -18.48 -16.52
C LEU B 212 25.44 -18.32 -17.50
N TYR B 213 25.79 -18.32 -18.78
CA TYR B 213 24.79 -18.38 -19.85
C TYR B 213 25.37 -19.20 -20.98
N TRP B 214 24.57 -20.08 -21.57
CA TRP B 214 25.00 -20.90 -22.68
C TRP B 214 24.13 -20.63 -23.91
N PHE B 215 24.79 -20.36 -25.03
CA PHE B 215 24.10 -20.01 -26.26
C PHE B 215 24.48 -20.99 -27.37
N LEU B 216 23.49 -21.34 -28.18
CA LEU B 216 23.69 -22.21 -29.34
C LEU B 216 23.48 -21.42 -30.62
N GLN B 217 24.44 -21.52 -31.53
CA GLN B 217 24.34 -20.88 -32.85
C GLN B 217 24.37 -21.99 -33.90
N ARG B 218 23.25 -22.13 -34.61
CA ARG B 218 23.18 -23.11 -35.69
C ARG B 218 23.89 -22.58 -36.93
N PRO B 219 24.33 -23.46 -37.82
CA PRO B 219 25.00 -22.99 -39.06
C PRO B 219 24.03 -22.29 -40.00
N GLY B 220 23.64 -21.07 -39.67
CA GLY B 220 22.73 -20.31 -40.50
C GLY B 220 21.56 -19.73 -39.75
N GLN B 221 21.61 -19.76 -38.41
CA GLN B 221 20.54 -19.26 -37.57
C GLN B 221 21.12 -18.39 -36.46
N SER B 222 20.26 -17.50 -35.95
CA SER B 222 20.66 -16.61 -34.88
C SER B 222 20.89 -17.39 -33.59
N PRO B 223 21.82 -16.92 -32.73
CA PRO B 223 22.06 -17.61 -31.46
C PRO B 223 20.81 -17.62 -30.58
N GLN B 224 20.65 -18.71 -29.84
CA GLN B 224 19.52 -18.88 -28.93
C GLN B 224 20.03 -19.35 -27.58
N LEU B 225 19.43 -18.82 -26.51
CA LEU B 225 19.80 -19.20 -25.16
C LEU B 225 19.41 -20.64 -24.89
N LEU B 226 20.29 -21.38 -24.20
CA LEU B 226 20.02 -22.75 -23.82
C LEU B 226 19.82 -22.89 -22.31
N ILE B 227 20.79 -22.48 -21.51
CA ILE B 227 20.64 -22.43 -20.06
C ILE B 227 21.15 -21.08 -19.57
N TYR B 228 20.57 -20.62 -18.45
CA TYR B 228 20.95 -19.37 -17.82
C TYR B 228 21.23 -19.61 -16.35
N ARG B 229 22.30 -18.98 -15.85
CA ARG B 229 22.75 -19.11 -14.47
C ARG B 229 23.14 -20.55 -14.12
N MET B 230 23.43 -21.36 -15.15
CA MET B 230 23.88 -22.75 -15.05
C MET B 230 23.05 -23.58 -14.06
N SER B 231 21.81 -23.17 -13.80
CA SER B 231 20.94 -23.92 -12.89
C SER B 231 19.51 -24.06 -13.40
N ASN B 232 19.09 -23.29 -14.39
CA ASN B 232 17.72 -23.33 -14.89
C ASN B 232 17.73 -23.49 -16.41
N LEU B 233 16.80 -24.29 -16.91
CA LEU B 233 16.68 -24.50 -18.35
C LEU B 233 15.81 -23.42 -18.97
N ALA B 234 16.23 -22.94 -20.14
CA ALA B 234 15.47 -21.90 -20.83
C ALA B 234 14.18 -22.46 -21.40
N SER B 235 13.20 -21.58 -21.56
CA SER B 235 11.90 -21.99 -22.10
C SER B 235 12.03 -22.40 -23.56
N GLY B 236 11.37 -23.50 -23.91
CA GLY B 236 11.40 -24.02 -25.25
C GLY B 236 12.64 -24.81 -25.61
N VAL B 237 13.56 -25.01 -24.67
CA VAL B 237 14.80 -25.74 -24.91
C VAL B 237 14.59 -27.18 -24.46
N PRO B 238 14.99 -28.17 -25.27
CA PRO B 238 14.79 -29.57 -24.87
C PRO B 238 15.57 -29.92 -23.60
N ASP B 239 15.05 -30.89 -22.86
CA ASP B 239 15.61 -31.29 -21.58
C ASP B 239 16.93 -32.01 -21.70
N ARG B 240 17.35 -32.37 -22.91
CA ARG B 240 18.61 -33.09 -23.08
C ARG B 240 19.80 -32.28 -22.58
N PHE B 241 19.81 -30.98 -22.86
CA PHE B 241 20.91 -30.12 -22.43
C PHE B 241 20.89 -29.97 -20.91
N SER B 242 22.08 -29.85 -20.32
CA SER B 242 22.18 -29.58 -18.90
C SER B 242 23.52 -28.90 -18.63
N GLY B 243 23.60 -28.23 -17.49
CA GLY B 243 24.82 -27.52 -17.11
C GLY B 243 25.07 -27.63 -15.63
N SER B 244 26.35 -27.58 -15.25
CA SER B 244 26.75 -27.70 -13.85
C SER B 244 28.16 -27.14 -13.72
N GLY B 245 28.75 -27.34 -12.55
CA GLY B 245 30.09 -26.87 -12.27
C GLY B 245 30.11 -25.88 -11.12
N SER B 246 31.32 -25.42 -10.81
CA SER B 246 31.54 -24.47 -9.73
C SER B 246 32.27 -23.25 -10.28
N GLY B 247 32.48 -22.27 -9.42
CA GLY B 247 33.17 -21.06 -9.84
C GLY B 247 34.53 -21.38 -10.42
N THR B 248 34.85 -20.72 -11.54
CA THR B 248 36.08 -20.84 -12.31
C THR B 248 36.15 -22.14 -13.10
N ALA B 249 35.16 -23.03 -13.00
CA ALA B 249 35.21 -24.30 -13.74
C ALA B 249 33.78 -24.79 -13.94
N PHE B 250 33.26 -24.61 -15.16
CA PHE B 250 31.90 -24.99 -15.48
C PHE B 250 31.88 -26.03 -16.58
N THR B 251 30.80 -26.81 -16.62
CA THR B 251 30.65 -27.84 -17.65
C THR B 251 29.23 -27.85 -18.14
N LEU B 252 29.05 -28.27 -19.39
CA LEU B 252 27.75 -28.40 -20.02
C LEU B 252 27.68 -29.78 -20.66
N THR B 253 26.69 -30.57 -20.25
CA THR B 253 26.54 -31.95 -20.67
C THR B 253 25.34 -32.08 -21.59
N ILE B 254 25.55 -32.70 -22.75
CA ILE B 254 24.50 -32.99 -23.71
C ILE B 254 24.33 -34.50 -23.76
N SER B 255 23.18 -34.99 -23.31
CA SER B 255 22.88 -36.41 -23.26
C SER B 255 21.78 -36.74 -24.26
N ARG B 256 21.87 -37.93 -24.85
CA ARG B 256 20.94 -38.38 -25.88
C ARG B 256 20.88 -37.38 -27.04
N LEU B 257 22.08 -37.06 -27.55
CA LEU B 257 22.19 -36.10 -28.65
C LEU B 257 21.51 -36.64 -29.89
N GLU B 258 20.77 -35.76 -30.58
CA GLU B 258 20.04 -36.11 -31.79
C GLU B 258 20.54 -35.24 -32.94
N ALA B 259 19.91 -35.39 -34.10
CA ALA B 259 20.29 -34.63 -35.27
C ALA B 259 19.70 -33.21 -35.20
N GLU B 260 20.13 -32.37 -36.14
CA GLU B 260 19.66 -30.99 -36.26
C GLU B 260 19.90 -30.20 -34.97
N ASP B 261 21.05 -30.44 -34.34
CA ASP B 261 21.43 -29.68 -33.16
C ASP B 261 22.89 -29.24 -33.17
N VAL B 262 23.66 -29.60 -34.19
CA VAL B 262 25.07 -29.22 -34.23
C VAL B 262 25.19 -27.71 -34.44
N GLY B 263 26.35 -27.18 -34.07
CA GLY B 263 26.59 -25.76 -34.20
C GLY B 263 27.73 -25.33 -33.28
N VAL B 264 27.69 -24.06 -32.89
CA VAL B 264 28.72 -23.44 -32.07
C VAL B 264 28.10 -23.04 -30.74
N TYR B 265 28.74 -23.46 -29.66
CA TYR B 265 28.32 -23.10 -28.30
C TYR B 265 29.15 -21.94 -27.78
N TYR B 266 28.48 -20.98 -27.16
CA TYR B 266 29.10 -19.78 -26.61
C TYR B 266 28.80 -19.69 -25.12
N CYS B 267 29.80 -19.29 -24.35
CA CYS B 267 29.75 -19.27 -22.90
C CYS B 267 29.86 -17.82 -22.43
N MET B 268 28.85 -17.36 -21.69
CA MET B 268 28.72 -15.97 -21.26
C MET B 268 28.76 -15.86 -19.74
N GLN B 269 29.43 -14.83 -19.26
CA GLN B 269 29.41 -14.45 -17.86
C GLN B 269 28.64 -13.14 -17.70
N HIS B 270 28.05 -12.95 -16.52
CA HIS B 270 27.29 -11.74 -16.22
C HIS B 270 27.70 -11.10 -14.90
N LEU B 271 28.92 -11.37 -14.43
CA LEU B 271 29.39 -10.73 -13.21
C LEU B 271 29.51 -9.22 -13.39
N GLU B 272 30.04 -8.77 -14.53
CA GLU B 272 30.18 -7.34 -14.75
C GLU B 272 30.25 -7.02 -16.23
N TYR B 273 29.10 -6.56 -16.75
CA TYR B 273 28.73 -5.60 -17.80
C TYR B 273 29.06 -5.60 -19.31
N PRO B 274 30.29 -5.31 -19.81
CA PRO B 274 31.61 -5.93 -19.65
C PRO B 274 31.58 -7.47 -19.64
N LEU B 275 30.60 -8.01 -20.36
CA LEU B 275 30.46 -9.45 -20.54
C LEU B 275 31.35 -9.90 -21.69
N THR B 276 32.05 -11.02 -21.50
CA THR B 276 32.93 -11.57 -22.51
C THR B 276 32.48 -12.98 -22.87
N PHE B 277 32.40 -13.25 -24.17
CA PHE B 277 32.05 -14.57 -24.67
C PHE B 277 33.22 -15.53 -24.49
N GLY B 278 32.97 -16.80 -24.80
CA GLY B 278 34.00 -17.82 -24.82
C GLY B 278 34.60 -17.97 -26.20
N ALA B 279 35.48 -18.96 -26.32
CA ALA B 279 36.08 -19.25 -27.62
C ALA B 279 35.05 -19.78 -28.61
N GLY B 280 34.08 -20.55 -28.13
CA GLY B 280 33.07 -21.12 -28.99
C GLY B 280 33.43 -22.54 -29.40
N THR B 281 32.63 -23.51 -28.95
CA THR B 281 32.89 -24.92 -29.22
C THR B 281 32.04 -25.37 -30.39
N LYS B 282 32.69 -25.83 -31.46
CA LYS B 282 32.02 -26.24 -32.68
C LYS B 282 31.86 -27.76 -32.70
N LEU B 283 30.65 -28.22 -32.99
CA LEU B 283 30.35 -29.64 -33.06
C LEU B 283 29.85 -30.00 -34.45
N GLU B 284 30.35 -31.11 -34.99
CA GLU B 284 29.97 -31.57 -36.32
C GLU B 284 30.04 -33.09 -36.40
N GLY C 2 28.70 -1.37 -1.79
CA GLY C 2 30.03 -1.92 -1.61
C GLY C 2 30.16 -3.34 -2.15
N CYS C 3 29.02 -3.97 -2.42
CA CYS C 3 28.98 -5.33 -2.94
C CYS C 3 28.74 -5.37 -4.45
N THR C 4 28.82 -4.22 -5.13
CA THR C 4 28.68 -4.09 -6.58
C THR C 4 27.26 -4.41 -7.03
N LEU C 5 26.40 -4.78 -6.08
CA LEU C 5 24.99 -5.09 -6.32
C LEU C 5 24.78 -6.18 -7.37
N SER C 6 25.82 -6.98 -7.63
CA SER C 6 25.71 -8.21 -8.41
C SER C 6 25.22 -7.98 -9.84
N ALA C 7 25.48 -6.79 -10.38
CA ALA C 7 25.23 -6.50 -11.80
C ALA C 7 23.76 -6.58 -12.19
N GLU C 8 23.20 -7.80 -12.23
CA GLU C 8 21.83 -7.96 -12.66
C GLU C 8 20.85 -7.38 -11.65
N ASP C 9 21.16 -7.48 -10.36
CA ASP C 9 20.29 -6.87 -9.35
C ASP C 9 20.29 -5.36 -9.45
N LYS C 10 21.30 -4.75 -10.07
CA LYS C 10 21.21 -3.32 -10.37
C LYS C 10 20.03 -3.04 -11.30
N ALA C 11 19.91 -3.81 -12.38
CA ALA C 11 18.77 -3.68 -13.26
C ALA C 11 17.47 -4.10 -12.59
N ALA C 12 17.52 -5.07 -11.69
CA ALA C 12 16.31 -5.46 -10.96
C ALA C 12 15.80 -4.32 -10.07
N VAL C 13 16.70 -3.67 -9.32
CA VAL C 13 16.27 -2.56 -8.47
C VAL C 13 15.88 -1.36 -9.32
N GLU C 14 16.50 -1.18 -10.50
CA GLU C 14 16.04 -0.11 -11.38
C GLU C 14 14.65 -0.38 -11.92
N ARG C 15 14.33 -1.64 -12.23
CA ARG C 15 12.96 -2.00 -12.60
C ARG C 15 12.02 -1.76 -11.43
N SER C 16 12.48 -2.02 -10.20
CA SER C 16 11.68 -1.72 -9.03
C SER C 16 11.39 -0.23 -8.91
N LYS C 17 12.39 0.61 -9.17
CA LYS C 17 12.17 2.05 -9.14
C LYS C 17 11.22 2.50 -10.24
N MET C 18 11.32 1.90 -11.42
CA MET C 18 10.38 2.21 -12.49
C MET C 18 8.95 1.83 -12.11
N ILE C 19 8.79 0.66 -11.47
CA ILE C 19 7.48 0.24 -10.99
C ILE C 19 6.97 1.20 -9.93
N ASP C 20 7.86 1.67 -9.06
CA ASP C 20 7.48 2.66 -8.05
C ASP C 20 7.03 3.96 -8.69
N ARG C 21 7.72 4.39 -9.76
CA ARG C 21 7.32 5.60 -10.46
C ARG C 21 5.93 5.45 -11.08
N ASN C 22 5.68 4.31 -11.74
CA ASN C 22 4.34 4.07 -12.28
C ASN C 22 3.30 4.01 -11.17
N LEU C 23 3.65 3.39 -10.04
CA LEU C 23 2.74 3.26 -8.92
C LEU C 23 2.36 4.62 -8.35
N ARG C 24 3.35 5.50 -8.17
CA ARG C 24 3.06 6.82 -7.64
C ARG C 24 2.31 7.68 -8.64
N GLU C 25 2.57 7.50 -9.94
CA GLU C 25 1.76 8.18 -10.95
C GLU C 25 0.31 7.75 -10.87
N ASP C 26 0.07 6.44 -10.76
CA ASP C 26 -1.30 5.95 -10.64
C ASP C 26 -1.97 6.43 -9.36
N GLY C 27 -1.21 6.45 -8.25
CA GLY C 27 -1.77 6.95 -7.00
C GLY C 27 -2.13 8.43 -7.07
N GLU C 28 -1.27 9.23 -7.70
CA GLU C 28 -1.58 10.64 -7.88
C GLU C 28 -2.81 10.83 -8.77
N LYS C 29 -2.91 10.03 -9.83
CA LYS C 29 -4.09 10.10 -10.70
C LYS C 29 -5.36 9.74 -9.94
N ALA C 30 -5.30 8.71 -9.09
CA ALA C 30 -6.48 8.30 -8.33
C ALA C 30 -6.80 9.26 -7.20
N ALA C 31 -5.80 10.00 -6.70
CA ALA C 31 -6.04 10.92 -5.60
C ALA C 31 -6.91 12.11 -6.04
N ARG C 32 -6.87 12.46 -7.32
CA ARG C 32 -7.68 13.54 -7.87
C ARG C 32 -9.03 13.05 -8.36
N GLU C 33 -9.36 11.78 -8.13
CA GLU C 33 -10.60 11.18 -8.60
C GLU C 33 -11.59 11.08 -7.45
N VAL C 34 -12.76 11.67 -7.61
CA VAL C 34 -13.77 11.69 -6.56
C VAL C 34 -14.56 10.39 -6.59
N LYS C 35 -14.64 9.73 -5.45
CA LYS C 35 -15.34 8.45 -5.31
C LYS C 35 -16.67 8.67 -4.60
N LEU C 36 -17.75 8.19 -5.20
CA LEU C 36 -19.09 8.29 -4.63
C LEU C 36 -19.70 6.91 -4.51
N LEU C 37 -20.38 6.66 -3.40
CA LEU C 37 -21.04 5.39 -3.15
C LEU C 37 -22.55 5.57 -3.28
N LEU C 38 -23.19 4.70 -4.06
CA LEU C 38 -24.61 4.77 -4.32
C LEU C 38 -25.33 3.68 -3.53
N LEU C 39 -26.35 4.06 -2.78
CA LEU C 39 -27.09 3.14 -1.93
C LEU C 39 -28.59 3.38 -2.09
N GLY C 40 -29.37 2.34 -1.81
CA GLY C 40 -30.81 2.43 -1.89
C GLY C 40 -31.51 1.27 -1.24
N ALA C 41 -32.77 1.46 -0.84
CA ALA C 41 -33.53 0.40 -0.19
C ALA C 41 -34.07 -0.60 -1.22
N GLY C 42 -34.92 -0.13 -2.12
CA GLY C 42 -35.42 -0.96 -3.20
C GLY C 42 -35.02 -0.39 -4.56
N GLU C 43 -36.00 -0.11 -5.41
CA GLU C 43 -35.71 0.61 -6.64
C GLU C 43 -35.16 2.00 -6.35
N SER C 44 -35.89 2.77 -5.53
CA SER C 44 -35.45 4.08 -5.02
C SER C 44 -35.04 5.03 -6.14
N GLY C 45 -35.49 4.79 -7.37
CA GLY C 45 -35.10 5.63 -8.48
C GLY C 45 -33.62 5.61 -8.76
N LYS C 46 -32.93 4.53 -8.37
CA LYS C 46 -31.48 4.45 -8.60
C LYS C 46 -31.15 4.41 -10.08
N SER C 47 -31.92 3.60 -10.84
CA SER C 47 -31.66 3.50 -12.28
C SER C 47 -31.89 4.83 -12.99
N THR C 48 -32.96 5.55 -12.60
CA THR C 48 -33.23 6.84 -13.23
C THR C 48 -32.11 7.84 -12.95
N ILE C 49 -31.64 7.90 -11.70
CA ILE C 49 -30.56 8.82 -11.36
C ILE C 49 -29.28 8.45 -12.11
N VAL C 50 -28.96 7.16 -12.16
CA VAL C 50 -27.74 6.72 -12.85
C VAL C 50 -27.82 7.07 -14.33
N LYS C 51 -28.96 6.79 -14.97
CA LYS C 51 -29.10 7.08 -16.39
C LYS C 51 -29.04 8.57 -16.67
N GLN C 52 -29.67 9.39 -15.81
CA GLN C 52 -29.71 10.82 -16.06
C GLN C 52 -28.35 11.47 -15.84
N MET C 53 -27.66 11.09 -14.77
CA MET C 53 -26.43 11.76 -14.39
C MET C 53 -25.17 11.15 -15.02
N LYS C 54 -25.29 10.03 -15.72
CA LYS C 54 -24.11 9.44 -16.36
C LYS C 54 -23.67 10.23 -17.59
N ILE C 55 -24.52 11.09 -18.13
CA ILE C 55 -24.17 11.88 -19.30
C ILE C 55 -24.02 13.37 -18.97
N ILE C 56 -24.83 13.91 -18.07
CA ILE C 56 -24.74 15.31 -17.70
C ILE C 56 -23.67 15.52 -16.65
N THR C 182 -23.30 -8.34 -12.23
CA THR C 182 -23.73 -8.79 -10.91
C THR C 182 -22.85 -8.17 -9.82
N GLY C 183 -21.89 -7.35 -10.24
CA GLY C 183 -21.00 -6.71 -9.29
C GLY C 183 -21.31 -5.23 -9.09
N ILE C 184 -20.51 -4.36 -9.71
CA ILE C 184 -20.68 -2.92 -9.61
C ILE C 184 -20.89 -2.35 -11.00
N VAL C 185 -21.94 -1.56 -11.17
CA VAL C 185 -22.14 -0.80 -12.41
C VAL C 185 -21.46 0.54 -12.19
N GLU C 186 -20.15 0.57 -12.44
CA GLU C 186 -19.36 1.76 -12.17
C GLU C 186 -19.63 2.84 -13.22
N THR C 187 -19.77 4.07 -12.76
CA THR C 187 -19.98 5.23 -13.61
C THR C 187 -18.78 6.15 -13.48
N HIS C 188 -18.19 6.51 -14.62
CA HIS C 188 -16.98 7.34 -14.67
C HIS C 188 -17.24 8.62 -15.45
N PHE C 189 -18.39 9.24 -15.23
CA PHE C 189 -18.71 10.48 -15.92
C PHE C 189 -17.90 11.64 -15.37
N THR C 190 -17.72 12.66 -16.21
CA THR C 190 -16.93 13.83 -15.87
C THR C 190 -17.82 15.07 -15.86
N PHE C 191 -17.46 16.03 -15.00
CA PHE C 191 -18.21 17.27 -14.89
C PHE C 191 -17.27 18.37 -14.41
N LYS C 192 -17.03 19.37 -15.27
CA LYS C 192 -16.20 20.53 -14.95
C LYS C 192 -14.80 20.11 -14.52
N ASP C 193 -14.14 19.36 -15.40
CA ASP C 193 -12.76 18.91 -15.21
C ASP C 193 -12.60 18.09 -13.93
N LEU C 194 -13.65 17.38 -13.54
CA LEU C 194 -13.62 16.52 -12.36
C LEU C 194 -14.09 15.13 -12.77
N HIS C 195 -13.29 14.11 -12.47
CA HIS C 195 -13.63 12.73 -12.79
C HIS C 195 -14.33 12.11 -11.58
N PHE C 196 -15.60 11.75 -11.75
CA PHE C 196 -16.41 11.21 -10.68
C PHE C 196 -16.50 9.70 -10.79
N LYS C 197 -16.33 9.01 -9.67
CA LYS C 197 -16.49 7.57 -9.58
C LYS C 197 -17.74 7.25 -8.78
N MET C 198 -18.61 6.42 -9.36
CA MET C 198 -19.85 6.01 -8.72
C MET C 198 -19.90 4.49 -8.65
N PHE C 199 -20.19 3.96 -7.46
CA PHE C 199 -20.27 2.53 -7.24
C PHE C 199 -21.67 2.17 -6.74
N ASP C 200 -22.28 1.19 -7.40
CA ASP C 200 -23.59 0.69 -7.03
C ASP C 200 -23.42 -0.72 -6.48
N VAL C 201 -23.85 -0.94 -5.24
CA VAL C 201 -23.70 -2.21 -4.57
C VAL C 201 -25.05 -2.89 -4.35
N GLY C 202 -26.07 -2.49 -5.11
CA GLY C 202 -27.38 -3.11 -5.01
C GLY C 202 -27.50 -4.47 -5.64
N GLY C 203 -26.52 -4.88 -6.44
CA GLY C 203 -26.51 -6.17 -7.08
C GLY C 203 -25.93 -7.29 -6.24
N GLN C 204 -25.54 -7.03 -5.01
CA GLN C 204 -24.97 -8.03 -4.12
C GLN C 204 -25.98 -8.37 -3.03
N ARG C 205 -26.22 -9.68 -2.85
CA ARG C 205 -27.12 -10.18 -1.82
C ARG C 205 -26.28 -11.02 -0.85
N SER C 206 -25.70 -10.36 0.13
CA SER C 206 -24.84 -11.01 1.12
C SER C 206 -24.78 -10.11 2.35
N GLU C 207 -23.93 -10.49 3.30
CA GLU C 207 -23.76 -9.69 4.51
C GLU C 207 -23.08 -8.37 4.18
N ARG C 208 -23.68 -7.26 4.63
CA ARG C 208 -23.19 -5.94 4.27
C ARG C 208 -21.90 -5.58 5.01
N LYS C 209 -21.82 -5.92 6.30
CA LYS C 209 -20.70 -5.46 7.11
C LYS C 209 -19.37 -6.06 6.70
N LYS C 210 -19.38 -7.18 5.97
CA LYS C 210 -18.12 -7.80 5.57
C LYS C 210 -17.39 -6.98 4.53
N TRP C 211 -18.11 -6.40 3.57
CA TRP C 211 -17.52 -5.61 2.50
C TRP C 211 -17.80 -4.12 2.64
N ILE C 212 -18.37 -3.68 3.75
CA ILE C 212 -18.67 -2.26 3.91
C ILE C 212 -17.45 -1.46 4.33
N HIS C 213 -16.41 -2.11 4.85
CA HIS C 213 -15.19 -1.41 5.22
C HIS C 213 -14.28 -1.16 4.03
N CYS C 214 -14.51 -1.82 2.89
CA CYS C 214 -13.73 -1.56 1.69
C CYS C 214 -14.06 -0.20 1.09
N PHE C 215 -15.30 0.27 1.30
CA PHE C 215 -15.75 1.53 0.75
C PHE C 215 -15.54 2.71 1.69
N GLU C 216 -14.89 2.48 2.84
CA GLU C 216 -14.60 3.57 3.75
C GLU C 216 -13.60 4.54 3.13
N GLY C 217 -13.70 5.81 3.54
CA GLY C 217 -12.83 6.84 3.01
C GLY C 217 -13.27 7.43 1.69
N VAL C 218 -14.49 7.12 1.23
CA VAL C 218 -14.97 7.71 -0.01
C VAL C 218 -15.23 9.19 0.18
N THR C 219 -15.26 9.92 -0.95
CA THR C 219 -15.51 11.35 -0.91
C THR C 219 -16.89 11.66 -0.35
N ALA C 220 -17.90 10.91 -0.80
CA ALA C 220 -19.26 11.09 -0.30
C ALA C 220 -20.04 9.82 -0.57
N ILE C 221 -21.18 9.68 0.12
CA ILE C 221 -22.07 8.54 -0.02
C ILE C 221 -23.43 9.06 -0.46
N ILE C 222 -23.94 8.55 -1.58
CA ILE C 222 -25.22 8.96 -2.13
C ILE C 222 -26.27 7.95 -1.72
N PHE C 223 -27.31 8.43 -1.05
CA PHE C 223 -28.42 7.60 -0.59
C PHE C 223 -29.70 8.10 -1.23
N CYS C 224 -30.37 7.25 -2.00
CA CYS C 224 -31.58 7.60 -2.72
C CYS C 224 -32.78 6.94 -2.05
N VAL C 225 -33.83 7.72 -1.79
CA VAL C 225 -35.05 7.21 -1.17
C VAL C 225 -36.23 7.77 -1.95
N ALA C 226 -37.22 6.91 -2.23
CA ALA C 226 -38.40 7.33 -2.98
C ALA C 226 -39.41 7.97 -2.03
N LEU C 227 -39.93 9.14 -2.43
CA LEU C 227 -40.93 9.83 -1.62
C LEU C 227 -42.29 9.14 -1.67
N SER C 228 -42.52 8.30 -2.69
CA SER C 228 -43.80 7.64 -2.89
C SER C 228 -43.86 6.25 -2.24
N ASP C 229 -43.13 6.06 -1.14
CA ASP C 229 -43.01 4.73 -0.53
C ASP C 229 -43.55 4.69 0.89
N TYR C 230 -44.42 5.62 1.28
CA TYR C 230 -45.01 5.55 2.62
C TYR C 230 -46.33 4.78 2.67
N ASP C 231 -46.76 4.21 1.55
CA ASP C 231 -47.95 3.36 1.52
C ASP C 231 -47.67 1.96 1.03
N LEU C 232 -46.82 1.81 0.01
CA LEU C 232 -46.47 0.48 -0.49
C LEU C 232 -45.63 -0.27 0.53
N VAL C 233 -45.81 -1.59 0.58
CA VAL C 233 -45.15 -2.45 1.54
C VAL C 233 -44.33 -3.49 0.80
N LEU C 234 -43.33 -4.04 1.50
CA LEU C 234 -42.45 -5.07 0.95
C LEU C 234 -41.76 -4.61 -0.33
N MET C 240 -44.93 -3.14 7.54
CA MET C 240 -43.87 -2.16 7.41
C MET C 240 -43.73 -1.71 5.95
N ASN C 241 -43.85 -0.41 5.72
CA ASN C 241 -43.74 0.13 4.38
C ASN C 241 -42.27 0.26 3.98
N ARG C 242 -42.04 0.57 2.70
CA ARG C 242 -40.69 0.58 2.16
C ARG C 242 -39.84 1.68 2.81
N MET C 243 -40.43 2.85 3.06
CA MET C 243 -39.66 3.95 3.62
C MET C 243 -39.22 3.63 5.05
N HIS C 244 -40.08 2.99 5.84
CA HIS C 244 -39.67 2.59 7.19
C HIS C 244 -38.54 1.57 7.15
N GLU C 245 -38.58 0.66 6.17
CA GLU C 245 -37.47 -0.28 6.01
C GLU C 245 -36.20 0.44 5.54
N SER C 246 -36.35 1.55 4.83
CA SER C 246 -35.20 2.35 4.44
C SER C 246 -34.63 3.16 5.59
N MET C 247 -35.45 3.49 6.59
CA MET C 247 -34.95 4.25 7.73
C MET C 247 -33.86 3.50 8.47
N LYS C 248 -34.02 2.20 8.69
CA LYS C 248 -33.00 1.44 9.40
C LYS C 248 -31.73 1.29 8.56
N LEU C 249 -31.86 1.17 7.24
CA LEU C 249 -30.68 1.15 6.37
C LEU C 249 -29.94 2.48 6.44
N PHE C 250 -30.68 3.59 6.42
CA PHE C 250 -30.06 4.90 6.55
C PHE C 250 -29.36 5.05 7.89
N ASP C 251 -29.99 4.54 8.96
CA ASP C 251 -29.38 4.61 10.28
C ASP C 251 -28.09 3.78 10.33
N SER C 252 -28.11 2.58 9.75
CA SER C 252 -26.92 1.74 9.74
C SER C 252 -25.80 2.33 8.90
N ILE C 253 -26.13 3.03 7.82
CA ILE C 253 -25.11 3.63 6.97
C ILE C 253 -24.52 4.89 7.60
N CYS C 254 -25.39 5.78 8.11
CA CYS C 254 -24.91 7.04 8.67
C CYS C 254 -24.15 6.82 9.98
N ASN C 255 -24.62 5.87 10.80
CA ASN C 255 -24.02 5.63 12.12
C ASN C 255 -22.88 4.62 12.07
N ASN C 256 -22.50 4.16 10.88
CA ASN C 256 -21.43 3.17 10.76
C ASN C 256 -20.11 3.77 11.24
N LYS C 257 -19.29 2.93 11.87
CA LYS C 257 -17.99 3.39 12.35
C LYS C 257 -17.08 3.79 11.20
N TRP C 258 -17.13 3.05 10.09
CA TRP C 258 -16.29 3.36 8.94
C TRP C 258 -16.74 4.64 8.23
N PHE C 259 -17.99 5.05 8.41
CA PHE C 259 -18.54 6.24 7.76
C PHE C 259 -18.80 7.35 8.77
N THR C 260 -17.91 7.50 9.75
CA THR C 260 -18.07 8.52 10.78
C THR C 260 -17.57 9.88 10.36
N ASP C 261 -16.93 9.99 9.19
CA ASP C 261 -16.38 11.27 8.74
C ASP C 261 -16.67 11.55 7.27
N THR C 262 -17.62 10.84 6.67
CA THR C 262 -17.96 11.01 5.26
C THR C 262 -19.34 11.65 5.15
N SER C 263 -19.41 12.79 4.46
CA SER C 263 -20.69 13.45 4.25
C SER C 263 -21.58 12.61 3.34
N ILE C 264 -22.89 12.78 3.50
CA ILE C 264 -23.87 11.96 2.81
C ILE C 264 -24.83 12.87 2.05
N ILE C 265 -25.08 12.53 0.78
CA ILE C 265 -26.01 13.25 -0.06
C ILE C 265 -27.27 12.41 -0.22
N LEU C 266 -28.39 12.93 0.27
CA LEU C 266 -29.68 12.26 0.24
C LEU C 266 -30.49 12.79 -0.92
N PHE C 267 -31.08 11.88 -1.69
CA PHE C 267 -31.92 12.21 -2.83
C PHE C 267 -33.34 11.74 -2.55
N LEU C 268 -34.30 12.64 -2.75
CA LEU C 268 -35.71 12.35 -2.56
C LEU C 268 -36.34 12.18 -3.94
N ASN C 269 -36.32 10.94 -4.43
CA ASN C 269 -36.79 10.66 -5.78
C ASN C 269 -38.31 10.55 -5.80
N LYS C 270 -38.86 10.30 -7.00
CA LYS C 270 -40.30 10.18 -7.20
C LYS C 270 -41.04 11.42 -6.71
N LYS C 271 -40.47 12.59 -6.96
CA LYS C 271 -41.11 13.84 -6.55
C LYS C 271 -42.40 14.07 -7.30
N ASP C 272 -42.43 13.77 -8.60
CA ASP C 272 -43.64 13.99 -9.39
C ASP C 272 -44.76 13.02 -9.00
N LEU C 273 -44.41 11.79 -8.61
CA LEU C 273 -45.43 10.85 -8.16
C LEU C 273 -46.02 11.26 -6.82
N PHE C 274 -45.24 11.96 -6.00
CA PHE C 274 -45.71 12.40 -4.70
C PHE C 274 -46.90 13.34 -4.83
N GLU C 275 -46.87 14.26 -5.81
CA GLU C 275 -47.95 15.22 -5.97
C GLU C 275 -49.27 14.52 -6.22
N GLU C 276 -49.28 13.49 -7.06
CA GLU C 276 -50.52 12.81 -7.40
C GLU C 276 -50.91 11.74 -6.40
N LYS C 277 -49.98 11.21 -5.61
CA LYS C 277 -50.31 10.09 -4.74
C LYS C 277 -50.37 10.49 -3.27
N ILE C 278 -50.14 11.77 -2.96
CA ILE C 278 -50.41 12.30 -1.63
C ILE C 278 -51.85 12.80 -1.49
N LYS C 279 -52.47 13.27 -2.58
CA LYS C 279 -53.83 13.77 -2.50
C LYS C 279 -54.83 12.66 -2.16
N LYS C 280 -54.64 11.48 -2.74
CA LYS C 280 -55.56 10.38 -2.47
C LYS C 280 -55.21 9.66 -1.17
N SER C 281 -53.92 9.41 -0.93
CA SER C 281 -53.49 8.69 0.25
C SER C 281 -52.97 9.66 1.29
N PRO C 282 -53.62 9.78 2.45
CA PRO C 282 -53.11 10.68 3.49
C PRO C 282 -51.81 10.15 4.10
N LEU C 283 -51.08 11.07 4.72
CA LEU C 283 -49.81 10.75 5.37
C LEU C 283 -49.97 10.08 6.72
N THR C 284 -51.20 9.98 7.24
CA THR C 284 -51.42 9.41 8.56
C THR C 284 -51.11 7.91 8.62
N ILE C 285 -51.16 7.21 7.49
CA ILE C 285 -50.88 5.78 7.50
C ILE C 285 -49.42 5.51 7.87
N CYS C 286 -48.50 6.31 7.33
CA CYS C 286 -47.08 6.10 7.60
C CYS C 286 -46.68 6.65 8.96
N TYR C 287 -46.87 7.94 9.18
CA TYR C 287 -46.46 8.58 10.42
C TYR C 287 -47.68 8.77 11.31
N PRO C 288 -47.81 8.01 12.40
CA PRO C 288 -48.98 8.18 13.28
C PRO C 288 -48.95 9.48 14.06
N GLU C 289 -47.81 10.17 14.12
CA GLU C 289 -47.65 11.38 14.91
C GLU C 289 -47.49 12.62 14.03
N TYR C 290 -48.13 12.63 12.86
CA TYR C 290 -48.10 13.76 11.96
C TYR C 290 -49.50 14.37 11.87
N ALA C 291 -49.59 15.69 12.11
CA ALA C 291 -50.87 16.38 12.03
C ALA C 291 -50.76 17.66 11.20
N GLY C 292 -49.76 17.76 10.33
CA GLY C 292 -49.59 18.92 9.50
C GLY C 292 -50.47 18.91 8.27
N SER C 293 -50.37 19.98 7.49
CA SER C 293 -51.16 20.09 6.27
C SER C 293 -50.73 19.05 5.26
N ASN C 294 -51.71 18.55 4.49
CA ASN C 294 -51.45 17.54 3.47
C ASN C 294 -51.01 18.21 2.15
N THR C 295 -49.83 18.84 2.23
CA THR C 295 -49.24 19.50 1.08
C THR C 295 -47.81 18.99 0.89
N TYR C 296 -47.35 19.05 -0.36
CA TYR C 296 -46.00 18.57 -0.68
C TYR C 296 -44.94 19.38 0.05
N GLU C 297 -45.09 20.71 0.07
CA GLU C 297 -44.08 21.59 0.64
C GLU C 297 -43.86 21.34 2.13
N GLU C 298 -44.84 20.76 2.82
CA GLU C 298 -44.71 20.42 4.23
C GLU C 298 -44.40 18.95 4.47
N ALA C 299 -45.01 18.05 3.70
CA ALA C 299 -44.72 16.62 3.86
C ALA C 299 -43.27 16.31 3.50
N ALA C 300 -42.77 16.87 2.40
CA ALA C 300 -41.37 16.63 2.03
C ALA C 300 -40.43 17.18 3.08
N ALA C 301 -40.73 18.36 3.62
CA ALA C 301 -39.90 18.92 4.69
C ALA C 301 -39.93 18.04 5.93
N TYR C 302 -41.10 17.49 6.27
CA TYR C 302 -41.19 16.60 7.42
C TYR C 302 -40.36 15.33 7.21
N ILE C 303 -40.44 14.73 6.02
CA ILE C 303 -39.66 13.52 5.75
C ILE C 303 -38.17 13.83 5.82
N GLN C 304 -37.76 14.97 5.25
CA GLN C 304 -36.36 15.37 5.33
C GLN C 304 -35.94 15.61 6.78
N CYS C 305 -36.83 16.17 7.59
CA CYS C 305 -36.51 16.43 8.98
C CYS C 305 -36.26 15.15 9.75
N GLN C 306 -37.13 14.14 9.57
CA GLN C 306 -36.86 12.85 10.20
C GLN C 306 -35.59 12.19 9.67
N PHE C 307 -35.36 12.27 8.35
CA PHE C 307 -34.16 11.66 7.79
C PHE C 307 -32.89 12.29 8.37
N GLU C 308 -32.90 13.61 8.56
CA GLU C 308 -31.78 14.28 9.23
C GLU C 308 -31.73 13.95 10.71
N ASP C 309 -32.89 13.76 11.35
CA ASP C 309 -32.93 13.39 12.76
C ASP C 309 -32.36 12.00 13.01
N LEU C 310 -32.32 11.15 11.98
CA LEU C 310 -31.69 9.84 12.13
C LEU C 310 -30.19 9.92 12.36
N ASN C 311 -29.58 11.10 12.16
CA ASN C 311 -28.13 11.27 12.32
C ASN C 311 -27.82 11.60 13.77
N LYS C 312 -27.07 10.72 14.43
CA LYS C 312 -26.61 10.99 15.79
C LYS C 312 -25.22 11.59 15.85
N ARG C 313 -24.57 11.82 14.71
CA ARG C 313 -23.24 12.40 14.68
C ARG C 313 -23.25 13.70 13.89
N LYS C 314 -24.24 14.56 14.17
CA LYS C 314 -24.38 15.81 13.43
C LYS C 314 -23.17 16.72 13.62
N ASP C 315 -22.50 16.63 14.77
CA ASP C 315 -21.36 17.50 15.03
C ASP C 315 -20.18 17.24 14.10
N THR C 316 -20.09 16.04 13.53
CA THR C 316 -18.98 15.69 12.65
C THR C 316 -19.39 15.39 11.21
N LYS C 317 -20.68 15.25 10.94
CA LYS C 317 -21.16 14.92 9.60
C LYS C 317 -22.34 15.81 9.23
N GLU C 318 -22.54 15.97 7.94
CA GLU C 318 -23.64 16.76 7.40
C GLU C 318 -24.33 15.99 6.29
N ILE C 319 -25.62 16.27 6.11
CA ILE C 319 -26.45 15.60 5.12
C ILE C 319 -26.96 16.66 4.14
N TYR C 320 -26.72 16.42 2.86
CA TYR C 320 -27.18 17.32 1.79
C TYR C 320 -28.39 16.72 1.11
N THR C 321 -29.57 17.27 1.39
CA THR C 321 -30.83 16.73 0.89
C THR C 321 -31.24 17.48 -0.37
N HIS C 322 -31.58 16.73 -1.42
CA HIS C 322 -31.97 17.33 -2.69
C HIS C 322 -33.13 16.54 -3.30
N PHE C 323 -33.96 17.25 -4.05
CA PHE C 323 -35.10 16.66 -4.75
C PHE C 323 -34.80 16.63 -6.25
N THR C 324 -35.18 15.54 -6.91
CA THR C 324 -34.89 15.35 -8.32
C THR C 324 -36.19 15.26 -9.12
N CYS C 325 -36.11 15.67 -10.38
CA CYS C 325 -37.24 15.62 -11.30
C CYS C 325 -36.71 15.59 -12.72
N ALA C 326 -37.58 15.21 -13.66
CA ALA C 326 -37.20 15.11 -15.06
C ALA C 326 -37.27 16.47 -15.75
N THR C 327 -36.64 17.48 -15.16
CA THR C 327 -36.57 18.83 -15.70
C THR C 327 -35.58 19.62 -14.86
N ASP C 328 -35.00 20.65 -15.48
CA ASP C 328 -33.98 21.51 -14.86
C ASP C 328 -32.99 20.68 -14.04
N THR C 329 -32.27 19.82 -14.76
CA THR C 329 -31.45 18.77 -14.13
C THR C 329 -30.25 19.41 -13.44
N LYS C 330 -30.48 19.92 -12.24
CA LYS C 330 -29.44 20.45 -11.38
C LYS C 330 -28.90 19.40 -10.42
N ASN C 331 -29.33 18.14 -10.55
CA ASN C 331 -28.86 17.09 -9.65
C ASN C 331 -27.36 16.88 -9.79
N VAL C 332 -26.85 16.90 -11.03
CA VAL C 332 -25.41 16.82 -11.24
C VAL C 332 -24.72 18.02 -10.62
N GLN C 333 -25.31 19.21 -10.78
CA GLN C 333 -24.75 20.41 -10.16
C GLN C 333 -24.79 20.32 -8.64
N PHE C 334 -25.88 19.76 -8.09
CA PHE C 334 -25.96 19.57 -6.65
C PHE C 334 -24.87 18.62 -6.16
N VAL C 335 -24.65 17.53 -6.89
CA VAL C 335 -23.59 16.59 -6.53
C VAL C 335 -22.23 17.27 -6.59
N PHE C 336 -22.01 18.09 -7.62
CA PHE C 336 -20.76 18.84 -7.74
C PHE C 336 -20.57 19.79 -6.57
N ASP C 337 -21.63 20.49 -6.17
CA ASP C 337 -21.53 21.42 -5.05
C ASP C 337 -21.23 20.69 -3.75
N ALA C 338 -21.90 19.57 -3.51
CA ALA C 338 -21.64 18.80 -2.30
C ALA C 338 -20.22 18.24 -2.30
N VAL C 339 -19.75 17.78 -3.46
CA VAL C 339 -18.39 17.28 -3.57
C VAL C 339 -17.37 18.38 -3.32
N THR C 340 -17.63 19.58 -3.83
CA THR C 340 -16.75 20.72 -3.56
C THR C 340 -16.74 21.06 -2.08
N ASP C 341 -17.91 21.03 -1.44
CA ASP C 341 -17.98 21.33 -0.01
C ASP C 341 -17.20 20.30 0.80
N VAL C 342 -17.35 19.00 0.48
CA VAL C 342 -16.64 17.99 1.23
C VAL C 342 -15.13 18.02 0.93
N ILE C 343 -14.74 18.42 -0.28
CA ILE C 343 -13.32 18.59 -0.58
C ILE C 343 -12.74 19.73 0.23
N ILE C 344 -13.49 20.83 0.35
CA ILE C 344 -13.05 21.94 1.20
C ILE C 344 -12.93 21.48 2.64
N LYS C 345 -13.90 20.70 3.11
CA LYS C 345 -13.84 20.15 4.46
C LYS C 345 -12.58 19.31 4.68
N ASN C 346 -12.29 18.41 3.74
CA ASN C 346 -11.11 17.55 3.89
C ASN C 346 -9.83 18.37 3.83
N ASN C 347 -9.73 19.29 2.87
CA ASN C 347 -8.54 20.11 2.74
C ASN C 347 -8.31 20.97 3.98
N LEU C 348 -9.39 21.40 4.64
CA LEU C 348 -9.23 22.14 5.89
C LEU C 348 -8.56 21.29 6.95
N LYS C 349 -8.95 20.02 7.06
CA LYS C 349 -8.28 19.11 7.99
C LYS C 349 -6.83 18.90 7.59
N ASP C 350 -6.56 18.73 6.30
CA ASP C 350 -5.18 18.59 5.84
C ASP C 350 -4.39 19.88 6.04
N CYS C 351 -5.03 21.03 5.84
CA CYS C 351 -4.34 22.32 5.94
C CYS C 351 -4.52 23.00 7.30
N GLY C 352 -4.67 22.22 8.36
CA GLY C 352 -4.76 22.81 9.69
C GLY C 352 -6.16 23.07 10.18
N LEU C 353 -6.63 24.31 10.01
CA LEU C 353 -7.91 24.75 10.55
C LEU C 353 -9.03 23.77 10.21
N PHE C 354 -9.62 23.19 11.25
CA PHE C 354 -10.73 22.24 11.11
C PHE C 354 -10.36 21.07 10.20
N ASN D 13 15.02 43.78 38.02
CA ASN D 13 15.34 43.95 36.61
C ASN D 13 15.59 42.61 35.91
N HIS D 14 16.49 41.79 36.48
CA HIS D 14 16.75 40.49 35.87
C HIS D 14 15.84 39.40 36.41
N TRP D 15 15.23 39.60 37.59
CA TRP D 15 14.33 38.58 38.12
C TRP D 15 13.13 38.37 37.20
N LEU D 16 12.49 39.46 36.77
CA LEU D 16 11.33 39.34 35.90
C LEU D 16 11.68 38.65 34.58
N VAL D 17 12.87 38.90 34.05
CA VAL D 17 13.28 38.29 32.80
C VAL D 17 13.57 36.80 32.99
N PHE D 18 14.41 36.47 33.98
CA PHE D 18 14.90 35.09 34.07
C PHE D 18 13.85 34.15 34.63
N SER D 19 12.99 34.62 35.55
CA SER D 19 11.95 33.75 36.10
C SER D 19 10.99 33.29 35.02
N VAL D 20 10.61 34.19 34.11
CA VAL D 20 9.75 33.78 33.00
C VAL D 20 10.54 33.07 31.91
N TYR D 21 11.83 33.36 31.74
CA TYR D 21 12.61 32.67 30.72
C TYR D 21 12.77 31.19 31.05
N LEU D 22 13.09 30.88 32.30
CA LEU D 22 13.22 29.46 32.68
C LEU D 22 11.90 28.73 32.56
N PHE D 23 10.80 29.36 32.97
CA PHE D 23 9.49 28.73 32.83
C PHE D 23 9.16 28.46 31.37
N THR D 24 9.40 29.45 30.50
CA THR D 24 9.11 29.26 29.08
C THR D 24 9.95 28.14 28.49
N PHE D 25 11.26 28.12 28.80
CA PHE D 25 12.12 27.08 28.26
C PHE D 25 11.69 25.70 28.74
N LEU D 26 11.45 25.56 30.04
CA LEU D 26 11.09 24.26 30.61
C LEU D 26 9.75 23.77 30.07
N VAL D 27 8.76 24.66 29.95
CA VAL D 27 7.44 24.27 29.47
C VAL D 27 7.39 24.16 27.95
N GLY D 28 8.40 24.67 27.24
CA GLY D 28 8.34 24.64 25.79
C GLY D 28 9.10 23.48 25.18
N LEU D 29 10.29 23.16 25.72
CA LEU D 29 11.13 22.15 25.08
C LEU D 29 10.39 20.82 24.87
N PRO D 30 9.77 20.21 25.88
CA PRO D 30 9.08 18.93 25.64
C PRO D 30 7.97 19.04 24.61
N LEU D 31 7.27 20.17 24.56
CA LEU D 31 6.12 20.30 23.66
C LEU D 31 6.55 20.18 22.20
N ASN D 32 7.54 20.97 21.78
CA ASN D 32 7.98 20.88 20.38
C ASN D 32 8.80 19.63 20.12
N LEU D 33 9.56 19.15 21.12
CA LEU D 33 10.22 17.86 20.97
C LEU D 33 9.22 16.76 20.66
N LEU D 34 8.05 16.79 21.31
CA LEU D 34 7.00 15.84 21.00
C LEU D 34 6.40 16.11 19.62
N ALA D 35 6.08 17.37 19.33
CA ALA D 35 5.40 17.72 18.08
C ALA D 35 6.21 17.34 16.85
N LEU D 36 7.54 17.42 16.92
CA LEU D 36 8.36 17.03 15.78
C LEU D 36 8.17 15.56 15.42
N VAL D 37 7.88 14.70 16.40
CA VAL D 37 7.69 13.28 16.10
C VAL D 37 6.46 13.08 15.23
N ILE D 38 5.33 13.68 15.61
CA ILE D 38 4.12 13.54 14.80
C ILE D 38 4.30 14.23 13.45
N PHE D 39 5.02 15.35 13.41
CA PHE D 39 5.23 15.99 12.12
C PHE D 39 6.07 15.12 11.19
N VAL D 40 7.11 14.47 11.72
CA VAL D 40 7.92 13.56 10.92
C VAL D 40 7.08 12.38 10.45
N GLY D 41 6.25 11.83 11.34
CA GLY D 41 5.36 10.75 10.92
C GLY D 41 4.38 11.17 9.85
N LYS D 42 3.82 12.38 9.96
CA LYS D 42 2.90 12.89 8.95
C LYS D 42 3.59 13.04 7.61
N LEU D 43 4.82 13.55 7.60
CA LEU D 43 5.60 13.58 6.36
C LEU D 43 5.91 12.18 5.85
N ARG D 44 6.04 11.21 6.76
CA ARG D 44 6.33 9.83 6.34
C ARG D 44 5.14 9.19 5.64
N ARG D 45 3.93 9.39 6.16
CA ARG D 45 2.77 8.72 5.57
C ARG D 45 2.43 9.31 4.21
N ARG D 46 2.12 10.61 4.17
CA ARG D 46 1.80 11.28 2.92
C ARG D 46 2.22 12.74 3.01
N PRO D 47 2.82 13.28 1.96
CA PRO D 47 3.32 14.67 2.01
C PRO D 47 2.29 15.68 1.53
N VAL D 48 2.32 16.86 2.15
CA VAL D 48 1.49 17.99 1.75
C VAL D 48 2.23 19.27 2.11
N ALA D 49 1.99 20.32 1.32
CA ALA D 49 2.75 21.55 1.45
C ALA D 49 2.58 22.21 2.81
N VAL D 50 1.37 22.25 3.33
CA VAL D 50 1.12 22.88 4.62
C VAL D 50 1.90 22.15 5.72
N ASP D 51 1.99 20.82 5.63
CA ASP D 51 2.74 20.07 6.63
C ASP D 51 4.22 20.41 6.59
N VAL D 52 4.80 20.56 5.39
CA VAL D 52 6.22 20.87 5.33
C VAL D 52 6.50 22.30 5.80
N LEU D 53 5.61 23.24 5.48
CA LEU D 53 5.79 24.60 5.99
C LEU D 53 5.66 24.64 7.50
N LEU D 54 4.70 23.89 8.06
CA LEU D 54 4.54 23.85 9.51
C LEU D 54 5.72 23.16 10.17
N LEU D 55 6.31 22.16 9.50
CA LEU D 55 7.51 21.52 10.03
C LEU D 55 8.69 22.49 10.06
N ASN D 56 8.84 23.28 9.01
CA ASN D 56 9.86 24.33 9.01
C ASN D 56 9.60 25.36 10.10
N LEU D 57 8.32 25.65 10.37
CA LEU D 57 7.98 26.49 11.50
C LEU D 57 8.39 25.87 12.84
N THR D 58 8.48 24.54 12.91
CA THR D 58 8.75 23.89 14.19
C THR D 58 10.26 23.75 14.43
N LEU D 59 11.03 23.30 13.43
CA LEU D 59 12.44 23.12 13.72
C LEU D 59 13.13 24.45 13.98
N SER D 60 12.59 25.55 13.44
CA SER D 60 13.04 26.87 13.86
C SER D 60 12.78 27.09 15.34
N ASP D 61 11.63 26.63 15.84
CA ASP D 61 11.32 26.78 17.26
C ASP D 61 12.29 25.97 18.13
N LEU D 62 12.61 24.74 17.71
CA LEU D 62 13.67 24.00 18.41
C LEU D 62 15.00 24.73 18.38
N LEU D 63 15.42 25.18 17.19
CA LEU D 63 16.71 25.83 17.06
C LEU D 63 16.80 27.08 17.93
N LEU D 64 15.67 27.79 18.11
CA LEU D 64 15.64 28.91 19.02
C LEU D 64 15.67 28.47 20.48
N LEU D 65 14.88 27.43 20.80
CA LEU D 65 14.77 26.99 22.19
C LEU D 65 16.01 26.23 22.64
N LEU D 66 16.58 25.39 21.78
CA LEU D 66 17.78 24.65 22.17
C LEU D 66 19.00 25.57 22.26
N PHE D 67 19.03 26.65 21.50
CA PHE D 67 20.07 27.67 21.63
C PHE D 67 19.78 28.67 22.74
N LEU D 68 18.58 28.64 23.31
CA LEU D 68 18.23 29.58 24.39
C LEU D 68 19.11 29.41 25.63
N PRO D 69 19.39 28.21 26.14
CA PRO D 69 20.17 28.12 27.39
C PRO D 69 21.56 28.72 27.29
N PHE D 70 22.11 28.90 26.08
CA PHE D 70 23.41 29.53 25.95
C PHE D 70 23.40 30.96 26.46
N ARG D 71 22.32 31.70 26.18
CA ARG D 71 22.17 33.07 26.64
C ARG D 71 21.37 33.19 27.92
N MET D 72 20.46 32.26 28.19
CA MET D 72 19.63 32.32 29.39
C MET D 72 20.47 32.20 30.65
N VAL D 73 21.44 31.29 30.66
CA VAL D 73 22.26 31.05 31.86
C VAL D 73 23.41 32.05 31.78
N GLU D 74 23.12 33.29 32.16
CA GLU D 74 24.13 34.34 32.21
C GLU D 74 24.05 35.20 33.46
N ALA D 75 22.96 35.14 34.23
CA ALA D 75 22.75 35.92 35.45
C ALA D 75 22.62 37.41 35.17
N ALA D 76 22.78 37.79 33.90
CA ALA D 76 22.60 39.18 33.45
C ALA D 76 23.31 40.17 34.36
N SER D 77 24.57 39.88 34.68
CA SER D 77 25.33 40.74 35.57
C SER D 77 25.72 42.03 34.87
N GLY D 78 24.91 43.07 35.02
CA GLY D 78 25.13 44.30 34.30
C GLY D 78 24.78 44.25 32.84
N MET D 79 23.96 43.27 32.44
CA MET D 79 23.60 43.06 31.03
C MET D 79 24.84 42.92 30.17
N HIS D 80 25.80 42.15 30.67
CA HIS D 80 27.08 41.94 30.01
C HIS D 80 27.29 40.45 29.74
N TRP D 81 28.14 40.16 28.76
CA TRP D 81 28.42 38.78 28.37
C TRP D 81 29.76 38.37 28.96
N PRO D 82 29.79 37.49 29.96
CA PRO D 82 31.09 36.98 30.45
C PRO D 82 31.85 36.20 29.40
N LEU D 83 31.15 35.57 28.45
CA LEU D 83 31.80 34.79 27.42
C LEU D 83 32.50 35.73 26.43
N PRO D 84 33.49 35.22 25.69
CA PRO D 84 34.20 36.08 24.73
C PRO D 84 33.27 36.67 23.68
N PHE D 85 33.77 37.72 23.03
CA PHE D 85 32.97 38.51 22.10
C PHE D 85 32.65 37.77 20.80
N ILE D 86 33.26 36.61 20.56
CA ILE D 86 33.00 35.89 19.31
C ILE D 86 31.69 35.11 19.36
N LEU D 87 31.23 34.71 20.55
CA LEU D 87 30.05 33.88 20.67
C LEU D 87 28.75 34.66 20.73
N CYS D 88 28.77 35.90 21.19
CA CYS D 88 27.55 36.71 21.22
C CYS D 88 26.92 36.90 19.84
N PRO D 89 27.65 37.20 18.77
CA PRO D 89 27.00 37.35 17.46
C PRO D 89 26.21 36.14 17.03
N LEU D 90 26.69 34.93 17.32
CA LEU D 90 25.95 33.73 16.92
C LEU D 90 24.60 33.66 17.62
N SER D 91 24.59 33.83 18.95
CA SER D 91 23.33 33.79 19.69
C SER D 91 22.40 34.90 19.21
N GLY D 92 22.92 36.11 19.03
CA GLY D 92 22.09 37.20 18.59
C GLY D 92 21.47 36.95 17.23
N PHE D 93 22.28 36.51 16.26
CA PHE D 93 21.77 36.24 14.93
C PHE D 93 20.70 35.17 14.96
N LEU D 94 20.98 34.03 15.60
CA LEU D 94 20.02 32.94 15.58
C LEU D 94 18.72 33.33 16.29
N PHE D 95 18.82 33.97 17.46
CA PHE D 95 17.62 34.33 18.21
C PHE D 95 16.81 35.39 17.47
N PHE D 96 17.48 36.33 16.81
CA PHE D 96 16.75 37.40 16.11
C PHE D 96 16.15 36.91 14.80
N THR D 97 16.81 35.96 14.12
CA THR D 97 16.24 35.45 12.88
C THR D 97 15.12 34.45 13.14
N THR D 98 15.18 33.68 14.23
CA THR D 98 14.10 32.75 14.53
C THR D 98 12.78 33.48 14.79
N ILE D 99 12.84 34.61 15.48
CA ILE D 99 11.63 35.34 15.82
C ILE D 99 10.97 35.91 14.58
N TYR D 100 11.77 36.48 13.66
CA TYR D 100 11.21 37.04 12.43
C TYR D 100 10.86 35.98 11.40
N LEU D 101 11.37 34.75 11.52
CA LEU D 101 10.99 33.71 10.57
C LEU D 101 9.55 33.25 10.81
N THR D 102 9.05 33.39 12.03
CA THR D 102 7.69 32.96 12.33
C THR D 102 6.67 33.75 11.52
N ALA D 103 6.89 35.05 11.34
CA ALA D 103 5.95 35.86 10.56
C ALA D 103 5.89 35.40 9.12
N LEU D 104 7.05 35.14 8.51
CA LEU D 104 7.07 34.68 7.12
C LEU D 104 6.44 33.31 6.99
N PHE D 105 6.71 32.40 7.94
CA PHE D 105 6.12 31.07 7.88
C PHE D 105 4.60 31.14 8.06
N LEU D 106 4.13 32.00 8.95
CA LEU D 106 2.68 32.18 9.11
C LEU D 106 2.06 32.75 7.85
N ALA D 107 2.73 33.70 7.21
CA ALA D 107 2.23 34.25 5.95
C ALA D 107 2.14 33.15 4.89
N ALA D 108 3.15 32.29 4.81
CA ALA D 108 3.16 31.22 3.80
C ALA D 108 2.04 30.22 4.06
N VAL D 109 1.87 29.79 5.32
CA VAL D 109 0.84 28.81 5.60
C VAL D 109 -0.55 29.41 5.41
N SER D 110 -0.73 30.70 5.73
CA SER D 110 -2.00 31.36 5.46
C SER D 110 -2.25 31.48 3.96
N ILE D 111 -1.20 31.76 3.18
CA ILE D 111 -1.34 31.80 1.73
C ILE D 111 -1.84 30.46 1.22
N GLU D 112 -1.22 29.37 1.67
CA GLU D 112 -1.65 28.05 1.21
C GLU D 112 -3.08 27.75 1.65
N ARG D 113 -3.42 28.09 2.90
CA ARG D 113 -4.78 27.86 3.39
C ARG D 113 -5.80 28.68 2.61
N PHE D 114 -5.37 29.80 2.03
CA PHE D 114 -6.29 30.61 1.23
C PHE D 114 -6.78 29.84 0.00
N LEU D 115 -5.86 29.30 -0.80
CA LEU D 115 -6.29 28.49 -1.95
C LEU D 115 -6.74 27.10 -1.54
N SER D 116 -6.52 26.68 -0.30
CA SER D 116 -7.08 25.42 0.16
C SER D 116 -8.60 25.43 0.08
N VAL D 117 -9.22 26.59 0.30
CA VAL D 117 -10.67 26.71 0.31
C VAL D 117 -11.18 27.55 -0.86
N ALA D 118 -10.48 28.63 -1.20
CA ALA D 118 -10.94 29.50 -2.29
C ALA D 118 -10.97 28.74 -3.62
N TYR D 119 -9.95 27.93 -3.89
CA TYR D 119 -9.87 27.13 -5.10
C TYR D 119 -9.58 25.68 -4.72
N PRO D 120 -10.58 24.97 -4.17
CA PRO D 120 -10.32 23.59 -3.75
C PRO D 120 -9.92 22.66 -4.87
N LEU D 121 -10.47 22.85 -6.07
CA LEU D 121 -10.10 22.02 -7.21
C LEU D 121 -8.65 22.27 -7.61
N TRP D 122 -8.22 23.53 -7.58
CA TRP D 122 -6.83 23.85 -7.89
C TRP D 122 -5.87 23.21 -6.90
N TYR D 123 -6.22 23.26 -5.61
CA TYR D 123 -5.37 22.64 -4.59
C TYR D 123 -5.33 21.14 -4.74
N LYS D 124 -6.48 20.51 -5.01
CA LYS D 124 -6.53 19.06 -5.09
C LYS D 124 -5.82 18.53 -6.34
N THR D 125 -6.00 19.21 -7.47
CA THR D 125 -5.45 18.71 -8.72
C THR D 125 -3.94 18.88 -8.79
N ARG D 126 -3.44 20.03 -8.36
CA ARG D 126 -2.01 20.34 -8.52
C ARG D 126 -1.32 20.36 -7.16
N PRO D 127 -0.50 19.36 -6.84
CA PRO D 127 0.27 19.42 -5.59
C PRO D 127 1.39 20.45 -5.68
N ARG D 128 1.70 21.06 -4.54
CA ARG D 128 2.67 22.13 -4.45
C ARG D 128 3.80 21.80 -3.48
N LEU D 129 4.28 20.56 -3.52
CA LEU D 129 5.36 20.16 -2.61
C LEU D 129 6.66 20.89 -2.95
N GLY D 130 7.06 20.87 -4.22
CA GLY D 130 8.27 21.57 -4.61
C GLY D 130 8.16 23.07 -4.45
N GLN D 131 6.99 23.62 -4.78
CA GLN D 131 6.76 25.05 -4.58
C GLN D 131 6.87 25.42 -3.10
N ALA D 132 6.29 24.60 -2.22
CA ALA D 132 6.42 24.86 -0.79
C ALA D 132 7.86 24.77 -0.33
N GLY D 133 8.61 23.77 -0.82
CA GLY D 133 10.02 23.68 -0.45
C GLY D 133 10.82 24.89 -0.88
N LEU D 134 10.64 25.32 -2.13
CA LEU D 134 11.42 26.46 -2.63
C LEU D 134 11.01 27.75 -1.92
N VAL D 135 9.72 27.93 -1.64
CA VAL D 135 9.30 29.15 -0.95
C VAL D 135 9.78 29.14 0.49
N SER D 136 9.84 27.97 1.13
CA SER D 136 10.39 27.90 2.48
C SER D 136 11.88 28.22 2.49
N VAL D 137 12.63 27.71 1.50
CA VAL D 137 14.04 28.05 1.40
C VAL D 137 14.22 29.54 1.14
N ALA D 138 13.35 30.12 0.30
CA ALA D 138 13.43 31.55 0.03
C ALA D 138 13.14 32.37 1.27
N CYS D 139 12.15 31.97 2.07
CA CYS D 139 11.86 32.67 3.31
C CYS D 139 13.03 32.57 4.28
N TRP D 140 13.63 31.37 4.38
CA TRP D 140 14.82 31.21 5.22
C TRP D 140 15.92 32.15 4.76
N LEU D 141 16.19 32.20 3.46
CA LEU D 141 17.25 33.05 2.93
C LEU D 141 16.97 34.52 3.19
N LEU D 142 15.72 34.96 2.98
CA LEU D 142 15.38 36.36 3.20
C LEU D 142 15.54 36.75 4.67
N ALA D 143 15.02 35.91 5.58
CA ALA D 143 15.16 36.21 7.00
C ALA D 143 16.62 36.22 7.43
N SER D 144 17.41 35.24 6.95
CA SER D 144 18.81 35.19 7.31
C SER D 144 19.58 36.40 6.77
N ALA D 145 19.30 36.83 5.54
CA ALA D 145 19.98 38.01 5.00
C ALA D 145 19.61 39.27 5.77
N HIS D 146 18.32 39.43 6.08
CA HIS D 146 17.90 40.62 6.83
C HIS D 146 18.54 40.64 8.21
N CYS D 147 18.62 39.48 8.87
CA CYS D 147 19.27 39.43 10.18
C CYS D 147 20.78 39.63 10.06
N SER D 148 21.38 39.16 8.97
CA SER D 148 22.82 39.31 8.78
C SER D 148 23.21 40.75 8.57
N VAL D 149 22.36 41.51 7.87
CA VAL D 149 22.65 42.92 7.62
C VAL D 149 22.88 43.66 8.93
N VAL D 150 22.07 43.36 9.94
CA VAL D 150 22.15 44.09 11.20
C VAL D 150 23.45 43.76 11.94
N TYR D 151 23.78 42.48 12.09
CA TYR D 151 24.90 42.16 12.97
C TYR D 151 26.23 42.22 12.24
N VAL D 152 26.23 42.33 10.91
CA VAL D 152 27.49 42.47 10.20
C VAL D 152 28.08 43.87 10.36
N ILE D 153 27.32 44.80 10.93
CA ILE D 153 27.79 46.16 11.15
C ILE D 153 28.13 46.34 12.62
N GLU D 154 27.45 45.59 13.49
CA GLU D 154 27.64 45.70 14.93
C GLU D 154 28.99 45.16 15.39
N PHE D 155 29.70 44.42 14.53
CA PHE D 155 30.90 43.70 14.96
C PHE D 155 31.93 44.61 15.60
N SER D 156 32.13 45.81 15.06
CA SER D 156 33.10 46.73 15.61
C SER D 156 32.85 48.13 15.06
N GLY D 157 32.86 49.12 15.94
CA GLY D 157 32.73 50.51 15.56
C GLY D 157 34.04 51.21 15.26
N ASP D 158 35.15 50.49 15.31
CA ASP D 158 36.46 51.09 15.05
C ASP D 158 37.06 50.55 13.76
N THR D 165 35.66 41.16 29.94
CA THR D 165 34.68 42.23 30.05
C THR D 165 35.23 43.53 29.47
N ASN D 166 35.19 43.63 28.14
CA ASN D 166 35.68 44.82 27.44
C ASN D 166 34.62 45.47 26.56
N GLY D 167 33.47 44.83 26.37
CA GLY D 167 32.42 45.41 25.53
C GLY D 167 31.13 44.65 25.73
N THR D 168 30.05 45.23 25.20
CA THR D 168 28.73 44.65 25.31
C THR D 168 28.11 44.52 23.93
N CYS D 169 27.24 43.52 23.78
CA CYS D 169 26.54 43.23 22.54
C CYS D 169 25.05 43.47 22.73
N TYR D 170 24.44 44.15 21.75
CA TYR D 170 23.01 44.49 21.76
C TYR D 170 22.66 45.34 22.99
N LEU D 171 23.32 46.49 23.07
CA LEU D 171 23.11 47.45 24.14
C LEU D 171 23.38 48.84 23.56
N GLU D 172 23.60 49.82 24.43
CA GLU D 172 23.93 51.17 23.98
C GLU D 172 25.17 51.14 23.10
N PHE D 173 25.08 51.76 21.93
CA PHE D 173 26.11 51.74 20.92
C PHE D 173 26.75 53.12 20.78
N ARG D 174 27.68 53.23 19.83
CA ARG D 174 28.36 54.48 19.55
C ARG D 174 27.51 55.32 18.60
N GLU D 175 28.09 56.39 18.07
CA GLU D 175 27.35 57.31 17.19
C GLU D 175 27.47 56.95 15.72
N ASP D 176 28.53 56.25 15.31
CA ASP D 176 28.76 56.02 13.89
C ASP D 176 27.75 55.04 13.30
N GLN D 177 27.44 53.97 14.03
CA GLN D 177 26.63 52.90 13.47
C GLN D 177 25.13 53.08 13.66
N LEU D 178 24.69 54.03 14.48
CA LEU D 178 23.26 54.25 14.65
C LEU D 178 22.62 54.78 13.36
N ALA D 179 23.31 55.68 12.66
CA ALA D 179 22.78 56.22 11.42
C ALA D 179 22.72 55.15 10.33
N ILE D 180 23.61 54.17 10.37
CA ILE D 180 23.54 53.05 9.43
C ILE D 180 22.41 52.11 9.84
N LEU D 181 22.25 51.86 11.14
CA LEU D 181 21.29 50.86 11.61
C LEU D 181 19.86 51.33 11.42
N LEU D 182 19.51 52.48 11.99
CA LEU D 182 18.10 52.86 12.13
C LEU D 182 17.30 52.83 10.83
N PRO D 183 17.78 53.36 9.68
CA PRO D 183 16.98 53.25 8.45
C PRO D 183 16.73 51.82 8.03
N VAL D 184 17.79 51.02 7.87
CA VAL D 184 17.62 49.64 7.45
C VAL D 184 16.92 48.82 8.54
N ARG D 185 17.10 49.21 9.81
CA ARG D 185 16.41 48.52 10.90
C ARG D 185 14.90 48.72 10.81
N LEU D 186 14.46 49.97 10.60
CA LEU D 186 13.04 50.23 10.39
C LEU D 186 12.53 49.57 9.12
N GLU D 187 13.34 49.55 8.06
CA GLU D 187 12.93 48.88 6.83
C GLU D 187 12.69 47.40 7.06
N MET D 188 13.60 46.74 7.79
CA MET D 188 13.41 45.34 8.13
C MET D 188 12.16 45.14 8.95
N ALA D 189 11.93 45.99 9.95
CA ALA D 189 10.73 45.86 10.78
C ALA D 189 9.47 45.97 9.93
N VAL D 190 9.41 46.99 9.06
CA VAL D 190 8.22 47.18 8.24
C VAL D 190 8.02 45.99 7.31
N VAL D 191 9.07 45.59 6.58
CA VAL D 191 8.93 44.53 5.59
C VAL D 191 8.52 43.22 6.25
N LEU D 192 9.12 42.88 7.39
CA LEU D 192 8.87 41.58 8.00
C LEU D 192 7.72 41.59 8.99
N PHE D 193 7.09 42.73 9.25
CA PHE D 193 5.89 42.75 10.08
C PHE D 193 4.64 43.15 9.32
N GLY D 194 4.64 44.32 8.67
CA GLY D 194 3.43 44.80 8.04
C GLY D 194 2.98 43.93 6.88
N VAL D 195 3.91 43.54 6.01
CA VAL D 195 3.55 42.69 4.87
C VAL D 195 2.97 41.36 5.31
N PRO D 196 3.59 40.60 6.23
CA PRO D 196 2.91 39.39 6.73
C PRO D 196 1.57 39.69 7.38
N LEU D 197 1.46 40.81 8.10
CA LEU D 197 0.18 41.17 8.71
C LEU D 197 -0.91 41.32 7.64
N LEU D 198 -0.65 42.12 6.61
CA LEU D 198 -1.65 42.34 5.57
C LEU D 198 -1.96 41.05 4.83
N ILE D 199 -0.93 40.27 4.47
CA ILE D 199 -1.16 39.04 3.71
C ILE D 199 -2.01 38.07 4.50
N THR D 200 -1.62 37.80 5.75
CA THR D 200 -2.35 36.83 6.56
C THR D 200 -3.76 37.32 6.87
N SER D 201 -3.93 38.61 7.19
CA SER D 201 -5.26 39.13 7.48
C SER D 201 -6.17 39.03 6.26
N TYR D 202 -5.66 39.39 5.08
CA TYR D 202 -6.46 39.31 3.86
C TYR D 202 -6.84 37.86 3.56
N CYS D 203 -5.88 36.94 3.65
CA CYS D 203 -6.15 35.55 3.33
C CYS D 203 -7.16 34.94 4.30
N TYR D 204 -7.01 35.21 5.60
CA TYR D 204 -7.94 34.63 6.57
C TYR D 204 -9.31 35.29 6.50
N SER D 205 -9.37 36.58 6.17
CA SER D 205 -10.66 37.23 5.97
C SER D 205 -11.40 36.61 4.80
N ARG D 206 -10.71 36.38 3.68
CA ARG D 206 -11.35 35.68 2.58
C ARG D 206 -11.69 34.24 2.91
N LEU D 207 -10.87 33.58 3.73
CA LEU D 207 -11.20 32.23 4.18
C LEU D 207 -12.52 32.20 4.94
N VAL D 208 -12.66 33.06 5.96
CA VAL D 208 -13.89 33.10 6.74
C VAL D 208 -15.06 33.69 5.97
N TRP D 209 -14.81 34.41 4.87
CA TRP D 209 -15.90 34.91 4.06
C TRP D 209 -16.43 33.83 3.12
N ILE D 210 -15.52 33.12 2.43
CA ILE D 210 -15.95 32.07 1.51
C ILE D 210 -16.54 30.89 2.27
N LEU D 211 -15.97 30.57 3.44
CA LEU D 211 -16.46 29.43 4.22
C LEU D 211 -17.88 29.66 4.73
N GLY D 212 -18.31 30.92 4.81
CA GLY D 212 -19.64 31.23 5.29
C GLY D 212 -20.74 31.25 4.25
N ARG D 213 -20.44 30.91 3.01
CA ARG D 213 -21.44 30.94 1.93
C ARG D 213 -22.09 29.57 1.82
N GLY D 214 -23.27 29.44 2.42
CA GLY D 214 -24.04 28.21 2.32
C GLY D 214 -23.37 27.01 2.96
N ALA D 215 -23.20 27.03 4.27
CA ALA D 215 -22.58 25.92 4.99
C ALA D 215 -23.26 25.80 6.35
N SER D 216 -22.69 24.97 7.21
CA SER D 216 -23.25 24.72 8.53
C SER D 216 -22.88 25.86 9.49
N HIS D 217 -23.29 25.71 10.75
CA HIS D 217 -23.01 26.73 11.75
C HIS D 217 -21.75 26.46 12.55
N ARG D 218 -21.38 25.19 12.76
CA ARG D 218 -20.17 24.88 13.51
C ARG D 218 -18.90 25.19 12.72
N ARG D 219 -18.97 25.19 11.39
CA ARG D 219 -17.82 25.56 10.59
C ARG D 219 -17.38 26.99 10.90
N ARG D 220 -18.33 27.92 10.93
CA ARG D 220 -18.00 29.31 11.23
C ARG D 220 -17.40 29.44 12.62
N ARG D 221 -17.96 28.76 13.61
CA ARG D 221 -17.37 28.78 14.94
C ARG D 221 -15.94 28.29 14.91
N ARG D 222 -15.73 27.02 14.52
CA ARG D 222 -14.41 26.42 14.62
C ARG D 222 -13.38 27.09 13.73
N VAL D 223 -13.80 27.89 12.75
CA VAL D 223 -12.83 28.59 11.92
C VAL D 223 -12.59 30.00 12.44
N ALA D 224 -13.66 30.79 12.55
CA ALA D 224 -13.52 32.19 12.91
C ALA D 224 -13.01 32.38 14.33
N GLY D 225 -13.45 31.53 15.28
CA GLY D 225 -12.94 31.65 16.64
C GLY D 225 -11.44 31.41 16.71
N LEU D 226 -10.96 30.37 16.03
CA LEU D 226 -9.53 30.11 15.98
C LEU D 226 -8.78 31.25 15.28
N VAL D 227 -9.37 31.78 14.20
CA VAL D 227 -8.73 32.89 13.49
C VAL D 227 -8.60 34.11 14.39
N ALA D 228 -9.66 34.45 15.11
CA ALA D 228 -9.62 35.60 16.01
C ALA D 228 -8.64 35.37 17.15
N ALA D 229 -8.62 34.16 17.71
CA ALA D 229 -7.69 33.86 18.80
C ALA D 229 -6.25 33.96 18.32
N THR D 230 -5.95 33.46 17.12
CA THR D 230 -4.59 33.56 16.59
C THR D 230 -4.22 34.98 16.20
N LEU D 231 -5.18 35.78 15.71
CA LEU D 231 -4.89 37.18 15.46
C LEU D 231 -4.56 37.91 16.76
N LEU D 232 -5.33 37.65 17.81
CA LEU D 232 -5.04 38.25 19.11
C LEU D 232 -3.68 37.78 19.64
N ASN D 233 -3.35 36.51 19.44
CA ASN D 233 -2.06 36.00 19.89
C ASN D 233 -0.92 36.68 19.13
N PHE D 234 -1.04 36.79 17.81
CA PHE D 234 -0.01 37.44 17.02
C PHE D 234 0.16 38.90 17.43
N LEU D 235 -0.95 39.61 17.64
CA LEU D 235 -0.86 40.98 18.13
C LEU D 235 -0.18 41.05 19.49
N VAL D 236 -0.60 40.22 20.44
CA VAL D 236 -0.02 40.27 21.79
C VAL D 236 1.47 39.99 21.73
N CYS D 237 1.90 39.07 20.87
CA CYS D 237 3.31 38.71 20.80
C CYS D 237 4.15 39.78 20.12
N PHE D 238 3.74 40.21 18.92
CA PHE D 238 4.60 41.06 18.10
C PHE D 238 4.08 42.49 17.93
N GLY D 239 3.21 42.99 18.80
CA GLY D 239 2.73 44.35 18.69
C GLY D 239 3.59 45.34 19.45
N PRO D 240 3.72 45.15 20.77
CA PRO D 240 4.61 46.04 21.54
C PRO D 240 6.03 46.08 21.01
N TYR D 241 6.57 44.94 20.57
CA TYR D 241 7.91 44.91 20.01
C TYR D 241 8.02 45.82 18.79
N ASN D 242 7.08 45.69 17.86
CA ASN D 242 7.17 46.47 16.63
C ASN D 242 6.84 47.94 16.86
N VAL D 243 5.93 48.25 17.78
CA VAL D 243 5.64 49.67 18.04
C VAL D 243 6.82 50.34 18.74
N SER D 244 7.51 49.61 19.64
CA SER D 244 8.74 50.14 20.20
C SER D 244 9.81 50.32 19.13
N HIS D 245 9.90 49.35 18.22
CA HIS D 245 10.83 49.45 17.10
C HIS D 245 10.56 50.72 16.27
N VAL D 246 9.28 50.98 15.99
CA VAL D 246 8.93 52.15 15.18
C VAL D 246 9.21 53.44 15.94
N VAL D 247 8.78 53.50 17.21
CA VAL D 247 8.94 54.71 18.01
C VAL D 247 10.41 55.02 18.27
N GLY D 248 11.28 54.00 18.20
CA GLY D 248 12.70 54.27 18.29
C GLY D 248 13.20 55.15 17.17
N TYR D 249 12.61 55.03 15.97
CA TYR D 249 13.02 55.87 14.86
C TYR D 249 12.66 57.33 15.11
N ILE D 250 11.44 57.60 15.59
CA ILE D 250 11.04 58.97 15.88
C ILE D 250 11.86 59.53 17.03
N GLN D 251 12.02 58.75 18.10
CA GLN D 251 12.84 59.20 19.22
C GLN D 251 14.30 59.33 18.82
N GLY D 252 14.80 58.40 18.00
CA GLY D 252 16.17 58.45 17.54
C GLY D 252 17.09 57.52 18.30
N GLU D 253 16.86 57.37 19.60
CA GLU D 253 17.69 56.52 20.44
C GLU D 253 17.05 55.15 20.63
N SER D 254 17.86 54.21 21.07
CA SER D 254 17.37 52.86 21.34
C SER D 254 16.46 52.88 22.56
N PRO D 255 15.24 52.35 22.47
CA PRO D 255 14.32 52.38 23.61
C PRO D 255 14.77 51.41 24.71
N VAL D 256 14.30 51.69 25.92
CA VAL D 256 14.61 50.85 27.07
C VAL D 256 13.55 49.79 27.32
N TRP D 257 12.60 49.62 26.41
CA TRP D 257 11.53 48.63 26.55
C TRP D 257 11.90 47.30 25.90
N ARG D 258 13.18 46.97 25.80
CA ARG D 258 13.62 45.78 25.09
C ARG D 258 13.44 44.50 25.92
N SER D 259 13.05 44.61 27.19
CA SER D 259 12.99 43.43 28.04
C SER D 259 11.74 42.59 27.75
N TYR D 260 10.56 43.18 27.96
CA TYR D 260 9.33 42.40 27.86
C TYR D 260 8.97 42.05 26.42
N VAL D 261 9.45 42.83 25.45
CA VAL D 261 9.13 42.55 24.05
C VAL D 261 9.73 41.21 23.63
N LEU D 262 10.91 40.87 24.15
CA LEU D 262 11.48 39.56 23.91
C LEU D 262 10.79 38.47 24.73
N LEU D 263 10.27 38.81 25.91
CA LEU D 263 9.52 37.83 26.70
C LEU D 263 8.27 37.38 25.96
N LEU D 264 7.54 38.32 25.36
CA LEU D 264 6.39 37.94 24.54
C LEU D 264 6.80 37.12 23.33
N SER D 265 7.95 37.45 22.73
CA SER D 265 8.44 36.67 21.61
C SER D 265 8.73 35.24 22.02
N THR D 266 9.33 35.04 23.19
CA THR D 266 9.56 33.70 23.71
C THR D 266 8.24 32.99 24.01
N LEU D 267 7.27 33.71 24.58
CA LEU D 267 5.95 33.12 24.81
C LEU D 267 5.30 32.65 23.52
N ASN D 268 5.57 33.33 22.42
CA ASN D 268 5.04 32.90 21.13
C ASN D 268 5.55 31.51 20.78
N SER D 269 6.85 31.28 20.95
CA SER D 269 7.43 29.98 20.63
C SER D 269 6.90 28.86 21.52
N CYS D 270 6.31 29.19 22.67
CA CYS D 270 5.75 28.19 23.57
C CYS D 270 4.27 27.95 23.36
N VAL D 271 3.51 28.97 22.95
CA VAL D 271 2.06 28.78 22.81
C VAL D 271 1.73 27.94 21.58
N ASP D 272 2.58 27.95 20.56
CA ASP D 272 2.27 27.29 19.29
C ASP D 272 1.94 25.80 19.45
N PRO D 273 2.63 25.02 20.29
CA PRO D 273 2.15 23.65 20.53
C PRO D 273 0.71 23.56 20.99
N LEU D 274 0.27 24.51 21.83
CA LEU D 274 -1.09 24.45 22.37
C LEU D 274 -2.13 24.55 21.27
N VAL D 275 -1.98 25.53 20.36
CA VAL D 275 -2.88 25.63 19.23
C VAL D 275 -2.64 24.51 18.22
N TYR D 276 -1.41 24.00 18.14
CA TYR D 276 -1.14 22.83 17.29
C TYR D 276 -2.00 21.65 17.69
N TYR D 277 -2.15 21.42 18.99
CA TYR D 277 -2.91 20.27 19.46
C TYR D 277 -4.37 20.33 19.03
N PHE D 278 -5.09 21.36 19.48
CA PHE D 278 -6.53 21.42 19.29
C PHE D 278 -6.95 22.23 18.06
N SER D 279 -6.01 22.55 17.17
CA SER D 279 -6.35 23.25 15.94
C SER D 279 -7.02 22.33 14.93
N SER D 280 -6.52 21.10 14.79
CA SER D 280 -7.05 20.14 13.83
C SER D 280 -7.44 18.86 14.55
N SER D 281 -8.58 18.27 14.14
CA SER D 281 -9.02 17.02 14.74
C SER D 281 -8.09 15.86 14.38
N GLY D 282 -7.52 15.89 13.17
CA GLY D 282 -6.58 14.85 12.80
C GLY D 282 -5.35 14.82 13.68
N PHE D 283 -4.85 16.00 14.06
CA PHE D 283 -3.72 16.06 14.98
C PHE D 283 -4.08 15.47 16.33
N GLN D 284 -5.29 15.76 16.83
CA GLN D 284 -5.72 15.17 18.10
C GLN D 284 -5.81 13.65 18.00
N ALA D 285 -6.38 13.14 16.91
CA ALA D 285 -6.52 11.70 16.75
C ALA D 285 -5.15 11.02 16.66
N ASP D 286 -4.20 11.63 15.94
CA ASP D 286 -2.87 11.06 15.86
C ASP D 286 -2.15 11.16 17.20
N PHE D 287 -2.32 12.27 17.91
CA PHE D 287 -1.63 12.47 19.19
C PHE D 287 -2.12 11.48 20.25
N HIS D 288 -3.41 11.18 20.25
CA HIS D 288 -3.97 10.35 21.31
C HIS D 288 -3.57 8.88 21.20
N GLU D 289 -2.90 8.47 20.11
CA GLU D 289 -2.64 7.05 19.88
C GLU D 289 -1.16 6.67 19.85
N LEU D 290 -0.26 7.58 19.46
CA LEU D 290 1.14 7.20 19.27
C LEU D 290 1.97 7.35 20.53
N LEU D 291 1.38 7.81 21.64
CA LEU D 291 2.15 8.07 22.85
C LEU D 291 2.67 6.78 23.50
N ARG D 292 2.18 5.62 23.07
CA ARG D 292 2.63 4.33 23.60
C ARG D 292 2.45 4.23 25.11
N ASN E 5 -44.25 -26.16 3.34
CA ASN E 5 -44.82 -26.22 1.99
C ASN E 5 -44.19 -27.34 1.18
N THR E 6 -44.26 -27.23 -0.15
CA THR E 6 -43.70 -28.24 -1.03
C THR E 6 -42.21 -28.05 -1.29
N ALA E 7 -41.62 -26.95 -0.81
CA ALA E 7 -40.21 -26.68 -1.03
C ALA E 7 -39.35 -26.92 0.21
N SER E 8 -39.90 -26.72 1.41
CA SER E 8 -39.13 -26.94 2.63
C SER E 8 -38.89 -28.41 2.89
N ILE E 9 -39.71 -29.31 2.35
CA ILE E 9 -39.52 -30.73 2.56
C ILE E 9 -38.20 -31.18 1.95
N ALA E 10 -37.87 -30.70 0.74
CA ALA E 10 -36.61 -31.06 0.12
C ALA E 10 -35.42 -30.56 0.93
N GLN E 11 -35.48 -29.33 1.43
CA GLN E 11 -34.39 -28.80 2.25
C GLN E 11 -34.22 -29.60 3.53
N ALA E 12 -35.34 -29.93 4.19
CA ALA E 12 -35.26 -30.73 5.41
C ALA E 12 -34.69 -32.12 5.14
N ARG E 13 -35.10 -32.74 4.02
CA ARG E 13 -34.57 -34.05 3.67
C ARG E 13 -33.07 -33.98 3.37
N LYS E 14 -32.64 -32.92 2.68
CA LYS E 14 -31.21 -32.75 2.41
C LYS E 14 -30.42 -32.58 3.69
N LEU E 15 -30.93 -31.78 4.63
CA LEU E 15 -30.24 -31.60 5.91
C LEU E 15 -30.18 -32.91 6.68
N VAL E 16 -31.28 -33.67 6.70
CA VAL E 16 -31.30 -34.95 7.40
C VAL E 16 -30.32 -35.92 6.76
N GLU E 17 -30.25 -35.94 5.43
CA GLU E 17 -29.31 -36.84 4.74
C GLU E 17 -27.87 -36.46 5.06
N GLN E 18 -27.56 -35.16 5.03
CA GLN E 18 -26.20 -34.73 5.36
C GLN E 18 -25.82 -35.10 6.78
N LEU E 19 -26.75 -34.90 7.73
CA LEU E 19 -26.50 -35.30 9.11
C LEU E 19 -26.36 -36.81 9.24
N LYS E 20 -27.09 -37.59 8.44
CA LYS E 20 -26.94 -39.03 8.47
C LYS E 20 -25.56 -39.47 7.98
N MET E 21 -25.09 -38.85 6.88
CA MET E 21 -23.75 -39.16 6.41
C MET E 21 -22.69 -38.76 7.44
N GLU E 22 -22.88 -37.63 8.11
CA GLU E 22 -21.95 -37.21 9.14
C GLU E 22 -22.06 -38.04 10.40
N ALA E 23 -23.19 -38.74 10.60
CA ALA E 23 -23.42 -39.44 11.86
C ALA E 23 -22.46 -40.61 12.05
N ASN E 24 -22.24 -41.42 11.01
CA ASN E 24 -21.42 -42.62 11.11
C ASN E 24 -19.99 -42.25 10.73
N ILE E 25 -19.24 -41.75 11.72
CA ILE E 25 -17.83 -41.39 11.55
C ILE E 25 -17.03 -42.11 12.64
N ASP E 26 -15.98 -42.81 12.23
CA ASP E 26 -15.14 -43.57 13.16
C ASP E 26 -14.18 -42.62 13.87
N ARG E 27 -14.74 -41.84 14.80
CA ARG E 27 -13.94 -40.91 15.57
C ARG E 27 -13.09 -41.65 16.59
N ILE E 28 -11.99 -41.02 16.99
CA ILE E 28 -11.05 -41.59 17.94
C ILE E 28 -10.96 -40.67 19.16
N LYS E 29 -10.31 -41.18 20.21
CA LYS E 29 -10.28 -40.48 21.48
C LYS E 29 -9.52 -39.17 21.37
N VAL E 30 -10.01 -38.16 22.09
CA VAL E 30 -9.38 -36.83 22.05
C VAL E 30 -7.98 -36.88 22.62
N SER E 31 -7.77 -37.69 23.67
CA SER E 31 -6.45 -37.80 24.27
C SER E 31 -5.43 -38.37 23.28
N LYS E 32 -5.82 -39.38 22.50
CA LYS E 32 -4.91 -39.95 21.52
C LYS E 32 -4.56 -38.95 20.44
N ALA E 33 -5.55 -38.17 19.97
CA ALA E 33 -5.29 -37.16 18.97
C ALA E 33 -4.37 -36.07 19.51
N ALA E 34 -4.58 -35.66 20.77
CA ALA E 34 -3.70 -34.67 21.38
C ALA E 34 -2.28 -35.21 21.51
N ALA E 35 -2.14 -36.49 21.88
CA ALA E 35 -0.82 -37.09 21.97
C ALA E 35 -0.14 -37.14 20.60
N ASP E 36 -0.88 -37.46 19.55
CA ASP E 36 -0.32 -37.45 18.20
C ASP E 36 0.13 -36.04 17.81
N LEU E 37 -0.69 -35.04 18.13
CA LEU E 37 -0.31 -33.66 17.84
C LEU E 37 0.96 -33.26 18.57
N MET E 38 1.07 -33.63 19.86
CA MET E 38 2.28 -33.34 20.62
C MET E 38 3.48 -34.05 20.02
N ALA E 39 3.32 -35.31 19.62
CA ALA E 39 4.43 -36.06 19.04
C ALA E 39 4.93 -35.41 17.76
N TYR E 40 4.01 -35.05 16.87
CA TYR E 40 4.43 -34.37 15.63
C TYR E 40 5.06 -33.02 15.94
N CYS E 41 4.48 -32.27 16.87
CA CYS E 41 4.96 -30.92 17.13
C CYS E 41 6.36 -30.93 17.75
N GLU E 42 6.62 -31.86 18.67
CA GLU E 42 7.94 -31.99 19.25
C GLU E 42 8.93 -32.68 18.33
N ALA E 43 8.45 -33.45 17.34
CA ALA E 43 9.35 -34.07 16.38
C ALA E 43 10.00 -33.04 15.46
N HIS E 44 9.27 -32.00 15.09
CA HIS E 44 9.76 -30.97 14.19
C HIS E 44 10.12 -29.67 14.92
N ALA E 45 10.28 -29.72 16.24
CA ALA E 45 10.59 -28.51 17.00
C ALA E 45 11.95 -27.95 16.61
N LYS E 46 12.94 -28.82 16.42
CA LYS E 46 14.29 -28.37 16.10
C LYS E 46 14.38 -27.77 14.69
N GLU E 47 13.44 -28.10 13.81
CA GLU E 47 13.47 -27.61 12.44
C GLU E 47 12.60 -26.37 12.24
N ASP E 48 12.02 -25.82 13.31
CA ASP E 48 11.14 -24.66 13.19
C ASP E 48 11.88 -23.41 13.61
N PRO E 49 12.18 -22.49 12.69
CA PRO E 49 12.81 -21.22 13.09
C PRO E 49 11.92 -20.36 13.99
N LEU E 50 10.60 -20.60 13.98
CA LEU E 50 9.71 -19.80 14.82
C LEU E 50 10.00 -20.02 16.30
N LEU E 51 10.23 -21.28 16.70
CA LEU E 51 10.47 -21.59 18.10
C LEU E 51 11.95 -21.41 18.45
N THR E 52 12.84 -22.00 17.66
CA THR E 52 14.26 -21.89 17.91
C THR E 52 14.86 -20.89 16.94
N PRO E 53 15.31 -19.72 17.40
CA PRO E 53 15.90 -18.75 16.48
C PRO E 53 17.15 -19.29 15.81
N VAL E 54 17.31 -18.95 14.54
CA VAL E 54 18.47 -19.36 13.75
C VAL E 54 19.61 -18.37 14.00
N PRO E 55 20.87 -18.77 13.84
CA PRO E 55 21.96 -17.81 13.99
C PRO E 55 21.88 -16.72 12.93
N ALA E 56 22.38 -15.52 13.31
CA ALA E 56 22.31 -14.38 12.40
C ALA E 56 23.13 -14.62 11.14
N SER E 57 24.22 -15.38 11.24
CA SER E 57 25.04 -15.65 10.05
C SER E 57 24.26 -16.47 9.03
N GLU E 58 23.49 -17.45 9.48
CA GLU E 58 22.70 -18.29 8.59
C GLU E 58 21.28 -17.77 8.39
N ASN E 59 20.94 -16.63 8.98
CA ASN E 59 19.60 -16.09 8.85
C ASN E 59 19.46 -15.37 7.51
N PRO E 60 18.52 -15.78 6.65
CA PRO E 60 18.35 -15.12 5.35
C PRO E 60 17.63 -13.78 5.42
N PHE E 61 17.28 -13.31 6.61
CA PHE E 61 16.58 -12.04 6.81
C PHE E 61 15.25 -12.01 6.03
#